data_3LZF
#
_entry.id   3LZF
#
_cell.length_a   161.745
_cell.length_b   161.745
_cell.length_c   143.473
_cell.angle_alpha   90.00
_cell.angle_beta   90.00
_cell.angle_gamma   120.00
#
_symmetry.space_group_name_H-M   'P 3 2 1'
#
loop_
_entity.id
_entity.type
_entity.pdbx_description
1 polymer 'Hemagglutinin, HA1 Subunit'
2 polymer 'Hemagglutinin, HA2 Subunit'
3 polymer '2D1 Fab, Heavy Chain'
4 polymer '2D1 Fab, Light Chain'
5 branched 2-acetamido-2-deoxy-beta-D-glucopyranose-(1-4)-2-acetamido-2-deoxy-beta-D-glucopyranose
6 branched alpha-D-mannopyranose-(1-3)-beta-D-mannopyranose-(1-4)-2-acetamido-2-deoxy-beta-D-glucopyranose-(1-4)-2-acetamido-2-deoxy-beta-D-glucopyranose
7 non-polymer 2-acetamido-2-deoxy-beta-D-glucopyranose
#
loop_
_entity_poly.entity_id
_entity_poly.type
_entity_poly.pdbx_seq_one_letter_code
_entity_poly.pdbx_strand_id
1 'polypeptide(L)'
;ADPGDTICIGYHANNSTDTVDTVLEKNVTVTHSVNLLEDSHNGKLCKLKGIAPLQLGKCNIAGWLLGNPECDLLLTASSW
SYIVETSNSENGTCYPGDFIDYEELREQLSSVSSFEKFEIFPKTSSWPNHETTKGVTAACSYAGASSFYRNLLWLTKKGS
SYPKLSKSYVNNKGKEVLVLWGVHHPPTGTDQQSLYQNADAYVSVGSSKYNRRFTPEIAARPKVRDQAGRMNYYWTLLEP
GDTITFEATGNLIAPWYAFALNRGSGSGIITSDAPVHDCNTKCQTPHGAINSSLPFQNIHPVTIGECPKYVRSTKLRMAT
GLRNIPSIQSR
;
A
2 'polypeptide(L)'
;GLFGAIAGFIEGGWTGMIDGWYGYHHQNEQGSGYAADQKSTQNAIDGITNKVNSVIEKMNTQFTAVGKEFNNLERRIENL
NKKVDDGFLDIWTYNAELLVLLENERTLDFHDSNVRNLYEKVKSQLKNNAKEIGNGCFEFYHKCDDACMESVRNGTYDYP
KYSEESKLNREEIDGVSGR
;
B
3 'polypeptide(L)'
;EVQLVESGPALVKPTQTLTLTCSFSGFSLSTSGMSVSWIRQPPGKALEWLALIDWDDDTYYITYSSSLKTRLTISKDTSK
SQVVLTMTNMDPVDTATYYCARTLRVSGDYVRDFDLWGRGTLVTVSSASTKGPSVFPLAPSSKSTSGGTAALGCLVKDYF
PEPVTVSWNSGALTSGVHTFPAVLQSSGLYSLSSVVTVPSSSLGTQTYICNVNHKPSNTKVDKRVEPKSC
;
H
4 'polypeptide(L)'
;QPVLTQPPSASGTPGQRVTISCSGSSSNIGSNTVSWYQQVPGTAPKLLIYGNNERPSGVPDRFSGSKSATSASLAISGLQ
SEDEADYYCAAWDDSLNGFWVFGGGTKLTVLGQPKAAPSVTLFPPSSEELQANKATLVCLISDFYPGAVTVAWKADSSPV
KAGVETTTPSKQSNNKYAASSYLSLTPEQWKSHKSYSCQVTHEGSTVEKTVAPTECS
;
L
#
loop_
_chem_comp.id
_chem_comp.type
_chem_comp.name
_chem_comp.formula
BMA D-saccharide, beta linking beta-D-mannopyranose 'C6 H12 O6'
MAN D-saccharide, alpha linking alpha-D-mannopyranose 'C6 H12 O6'
NAG D-saccharide, beta linking 2-acetamido-2-deoxy-beta-D-glucopyranose 'C8 H15 N O6'
#
# COMPACT_ATOMS: atom_id res chain seq x y z
N ASP A 5 40.28 43.53 76.31
CA ASP A 5 40.67 43.16 74.91
C ASP A 5 40.30 41.69 74.48
N THR A 6 39.50 41.53 73.43
CA THR A 6 39.03 40.18 73.06
C THR A 6 38.85 39.85 71.57
N ILE A 7 38.90 38.54 71.29
CA ILE A 7 38.53 37.97 70.00
C ILE A 7 37.69 36.74 70.23
N CYS A 8 36.70 36.51 69.35
CA CYS A 8 35.83 35.33 69.42
C CYS A 8 35.62 34.62 68.09
N ILE A 9 35.35 33.32 68.16
CA ILE A 9 35.05 32.51 66.98
C ILE A 9 33.57 32.23 66.99
N GLY A 10 32.90 32.49 65.87
CA GLY A 10 31.46 32.23 65.78
C GLY A 10 30.99 31.91 64.38
N TYR A 11 29.70 31.58 64.26
CA TYR A 11 29.16 31.10 63.00
C TYR A 11 27.96 31.87 62.53
N HIS A 12 27.70 31.78 61.23
CA HIS A 12 26.71 32.63 60.60
C HIS A 12 25.32 32.35 61.18
N ALA A 13 24.36 33.17 60.77
CA ALA A 13 22.95 33.04 61.16
C ALA A 13 22.17 34.11 60.40
N ASN A 14 20.84 34.00 60.34
CA ASN A 14 20.05 34.90 59.51
C ASN A 14 18.55 34.75 59.70
N ASN A 15 17.79 35.39 58.80
CA ASN A 15 16.34 35.41 58.90
C ASN A 15 15.62 34.26 58.17
N SER A 16 16.39 33.28 57.69
CA SER A 16 15.82 32.14 56.99
C SER A 16 14.78 31.42 57.85
N THR A 17 13.76 30.86 57.22
CA THR A 17 12.86 29.92 57.89
C THR A 17 12.78 28.57 57.16
N ASP A 18 13.91 28.12 56.64
CA ASP A 18 14.01 26.81 56.05
C ASP A 18 14.19 25.80 57.15
N THR A 19 13.43 24.72 57.04
CA THR A 19 13.51 23.61 57.99
C THR A 19 13.89 22.35 57.23
N VAL A 20 14.70 21.49 57.84
CA VAL A 20 14.96 20.21 57.23
C VAL A 20 14.76 19.13 58.27
N ASP A 21 14.85 17.86 57.86
CA ASP A 21 14.78 16.76 58.82
C ASP A 21 16.10 16.03 58.90
N THR A 22 16.37 15.44 60.05
CA THR A 22 17.62 14.72 60.24
C THR A 22 17.32 13.48 61.02
N VAL A 23 18.25 12.54 60.99
CA VAL A 23 18.05 11.34 61.76
C VAL A 23 17.64 11.62 63.18
N LEU A 24 18.32 12.57 63.82
CA LEU A 24 18.27 12.74 65.26
C LEU A 24 17.16 13.65 65.68
N GLU A 25 16.72 14.53 64.79
CA GLU A 25 15.78 15.55 65.18
C GLU A 25 15.01 16.08 64.00
N LYS A 26 13.72 16.30 64.20
CA LYS A 26 12.83 16.79 63.15
C LYS A 26 12.86 18.31 63.03
N ASN A 27 12.38 18.79 61.90
CA ASN A 27 12.09 20.21 61.75
C ASN A 27 13.20 21.14 62.29
N VAL A 28 14.45 20.87 61.93
CA VAL A 28 15.57 21.76 62.20
C VAL A 28 15.66 23.00 61.27
N THR A 29 15.70 24.19 61.86
CA THR A 29 15.83 25.40 61.07
C THR A 29 17.28 25.62 60.66
N VAL A 30 17.51 25.99 59.42
CA VAL A 30 18.86 26.05 58.88
C VAL A 30 19.10 27.34 58.09
N THR A 31 20.37 27.75 58.01
CA THR A 31 20.71 29.01 57.35
C THR A 31 20.56 28.96 55.86
N HIS A 32 20.84 27.81 55.28
CA HIS A 32 20.77 27.60 53.83
C HIS A 32 20.38 26.19 53.50
N SER A 33 19.68 26.00 52.38
CA SER A 33 19.24 24.67 51.99
C SER A 33 18.72 24.64 50.57
N VAL A 34 18.94 23.55 49.84
CA VAL A 34 18.33 23.38 48.47
C VAL A 34 17.14 22.46 48.49
N ASN A 35 16.19 22.72 47.63
CA ASN A 35 15.02 21.87 47.56
C ASN A 35 15.23 20.89 46.42
N LEU A 36 15.13 19.58 46.69
CA LEU A 36 15.39 18.59 45.62
C LEU A 36 14.14 18.16 44.88
N LEU A 37 12.99 18.55 45.42
CA LEU A 37 11.74 17.99 44.97
C LEU A 37 10.94 19.02 44.19
N GLU A 38 10.75 18.76 42.91
CA GLU A 38 9.94 19.63 42.06
C GLU A 38 8.50 19.27 42.21
N ASP A 39 7.68 20.27 42.50
CA ASP A 39 6.24 20.04 42.64
C ASP A 39 5.31 21.06 41.98
N SER A 40 5.82 21.88 41.07
CA SER A 40 4.95 22.82 40.36
C SER A 40 4.82 22.44 38.92
N HIS A 41 3.71 22.82 38.32
CA HIS A 41 3.59 22.65 36.89
C HIS A 41 2.67 23.63 36.19
N ASN A 42 2.95 23.72 34.91
CA ASN A 42 2.22 24.38 33.87
C ASN A 42 0.73 24.48 33.96
N GLY A 43 0.09 23.40 34.36
CA GLY A 43 -1.34 23.25 34.12
C GLY A 43 -1.66 22.79 32.71
N LYS A 44 -0.69 22.75 31.81
CA LYS A 44 -1.02 22.66 30.38
C LYS A 44 -0.33 21.56 29.61
N LEU A 45 -0.90 21.16 28.48
CA LEU A 45 -0.22 20.21 27.62
C LEU A 45 0.54 20.98 26.56
N CYS A 46 1.86 20.84 26.53
CA CYS A 46 2.64 21.67 25.64
C CYS A 46 3.28 20.91 24.52
N LYS A 47 3.91 21.65 23.62
CA LYS A 47 4.78 21.07 22.61
C LYS A 47 6.08 20.56 23.22
N LEU A 48 6.63 19.54 22.58
CA LEU A 48 7.91 18.94 22.94
C LEU A 48 8.80 19.10 21.70
N LYS A 49 10.00 19.66 21.86
CA LYS A 49 10.81 19.97 20.67
C LYS A 49 10.05 20.70 19.58
N GLY A 50 9.16 21.60 19.98
CA GLY A 50 8.34 22.32 18.99
C GLY A 50 7.21 21.58 18.27
N ILE A 51 7.07 20.28 18.47
CA ILE A 51 5.96 19.60 17.81
C ILE A 51 4.77 19.47 18.75
N ALA A 52 3.56 19.67 18.22
CA ALA A 52 2.34 19.61 19.05
C ALA A 52 1.91 18.20 19.22
N PRO A 53 1.23 17.92 20.33
CA PRO A 53 0.68 16.60 20.50
C PRO A 53 -0.55 16.43 19.61
N LEU A 54 -0.97 15.21 19.43
CA LEU A 54 -2.16 14.98 18.71
C LEU A 54 -3.29 14.82 19.68
N GLN A 55 -4.25 15.73 19.64
CA GLN A 55 -5.38 15.68 20.54
C GLN A 55 -6.54 14.83 19.95
N LEU A 56 -6.65 13.56 20.34
CA LEU A 56 -7.76 12.71 19.91
C LEU A 56 -9.16 13.13 20.40
N GLY A 57 -9.20 14.06 21.35
CA GLY A 57 -10.42 14.60 21.88
C GLY A 57 -11.44 13.54 22.23
N LYS A 58 -12.51 13.54 21.47
CA LYS A 58 -13.60 12.65 21.74
C LYS A 58 -13.45 11.27 21.05
N CYS A 59 -12.48 11.14 20.13
CA CYS A 59 -12.10 9.82 19.59
C CYS A 59 -11.07 9.11 20.46
N ASN A 60 -10.82 7.83 20.20
CA ASN A 60 -9.71 7.10 20.80
C ASN A 60 -8.89 6.46 19.65
N ILE A 61 -7.90 5.61 19.93
CA ILE A 61 -6.96 5.27 18.86
C ILE A 61 -7.75 4.58 17.75
N ALA A 62 -8.68 3.72 18.18
CA ALA A 62 -9.43 2.96 17.20
C ALA A 62 -10.17 3.91 16.24
N GLY A 63 -10.88 4.85 16.82
CA GLY A 63 -11.63 5.78 16.00
C GLY A 63 -10.73 6.51 15.02
N TRP A 64 -9.56 6.89 15.49
CA TRP A 64 -8.68 7.70 14.68
C TRP A 64 -8.20 6.91 13.49
N LEU A 65 -7.73 5.69 13.74
CA LEU A 65 -7.04 4.92 12.72
C LEU A 65 -8.04 4.33 11.74
N LEU A 66 -9.16 3.86 12.25
CA LEU A 66 -10.12 3.26 11.38
C LEU A 66 -10.82 4.35 10.57
N GLY A 67 -10.89 5.57 11.13
CA GLY A 67 -11.67 6.63 10.48
C GLY A 67 -13.15 6.65 10.90
N ASN A 68 -13.44 6.44 12.17
CA ASN A 68 -14.78 6.60 12.64
C ASN A 68 -15.29 7.93 12.17
N PRO A 69 -16.48 7.95 11.61
CA PRO A 69 -17.09 9.12 11.01
C PRO A 69 -17.13 10.34 11.94
N GLU A 70 -17.16 10.12 13.24
CA GLU A 70 -17.05 11.24 14.20
C GLU A 70 -15.64 11.87 14.33
N CYS A 71 -14.67 11.35 13.60
CA CYS A 71 -13.31 11.82 13.81
C CYS A 71 -12.72 12.54 12.61
N ASP A 72 -13.58 13.13 11.77
CA ASP A 72 -13.07 13.81 10.59
C ASP A 72 -12.01 14.89 10.87
N LEU A 73 -12.18 15.72 11.90
CA LEU A 73 -11.09 16.60 12.32
C LEU A 73 -9.71 15.91 12.38
N LEU A 74 -9.63 14.62 12.64
CA LEU A 74 -8.28 14.04 12.67
C LEU A 74 -7.71 13.65 11.31
N LEU A 75 -8.51 13.72 10.25
CA LEU A 75 -8.11 13.12 8.96
C LEU A 75 -6.78 13.72 8.47
N THR A 76 -6.58 14.97 8.82
CA THR A 76 -5.44 15.74 8.42
C THR A 76 -4.17 15.59 9.26
N ALA A 77 -4.29 15.09 10.47
CA ALA A 77 -3.14 14.91 11.28
C ALA A 77 -2.17 13.98 10.63
N SER A 78 -0.87 14.30 10.69
CA SER A 78 0.18 13.40 10.14
C SER A 78 1.52 13.35 10.96
N SER A 79 1.77 14.35 11.80
CA SER A 79 2.88 14.24 12.73
C SER A 79 2.56 14.81 14.14
N TRP A 80 3.21 14.28 15.18
CA TRP A 80 2.89 14.69 16.55
C TRP A 80 4.00 14.33 17.51
N SER A 81 4.12 15.06 18.63
CA SER A 81 5.10 14.74 19.68
C SER A 81 4.64 13.66 20.62
N TYR A 82 3.34 13.53 20.82
CA TYR A 82 2.80 12.44 21.65
C TYR A 82 1.30 12.48 21.43
N ILE A 83 0.60 11.42 21.81
CA ILE A 83 -0.83 11.34 21.52
C ILE A 83 -1.60 11.52 22.81
N VAL A 84 -2.62 12.36 22.83
CA VAL A 84 -3.44 12.49 24.03
C VAL A 84 -4.83 11.88 23.88
N GLU A 85 -5.23 11.00 24.79
CA GLU A 85 -6.67 10.65 24.87
C GLU A 85 -7.26 11.37 26.05
N THR A 86 -8.58 11.43 26.14
CA THR A 86 -9.22 12.21 27.20
C THR A 86 -10.31 11.37 27.89
N SER A 87 -10.90 11.86 28.97
CA SER A 87 -11.95 11.10 29.65
C SER A 87 -13.10 10.91 28.74
N ASN A 88 -13.10 11.60 27.60
CA ASN A 88 -14.22 11.51 26.70
C ASN A 88 -13.88 10.81 25.42
N SER A 89 -12.83 10.00 25.44
CA SER A 89 -12.41 9.36 24.21
C SER A 89 -13.21 8.09 23.97
N GLU A 90 -14.47 8.26 23.61
CA GLU A 90 -15.22 7.04 23.36
C GLU A 90 -15.53 6.69 21.93
N ASN A 91 -15.52 7.63 21.00
CA ASN A 91 -15.72 7.24 19.61
C ASN A 91 -14.61 6.38 19.01
N GLY A 92 -14.80 5.07 18.96
CA GLY A 92 -13.79 4.24 18.32
C GLY A 92 -14.48 3.32 17.34
N THR A 93 -14.72 2.10 17.77
CA THR A 93 -15.32 1.09 16.96
C THR A 93 -16.83 1.30 16.93
N CYS A 94 -17.35 1.89 15.84
CA CYS A 94 -18.78 2.21 15.85
C CYS A 94 -19.65 1.00 15.53
N TYR A 95 -19.15 0.12 14.69
CA TYR A 95 -19.79 -1.17 14.45
C TYR A 95 -19.18 -2.10 15.50
N PRO A 96 -20.01 -2.72 16.37
CA PRO A 96 -19.48 -3.55 17.46
C PRO A 96 -18.60 -4.69 16.98
N GLY A 97 -17.59 -5.01 17.78
CA GLY A 97 -16.64 -6.08 17.49
C GLY A 97 -15.35 -5.96 18.31
N ASP A 98 -14.53 -7.02 18.28
CA ASP A 98 -13.14 -6.96 18.73
C ASP A 98 -12.18 -6.26 17.80
N PHE A 99 -11.26 -5.52 18.39
CA PHE A 99 -10.13 -5.03 17.65
C PHE A 99 -8.96 -5.91 18.11
N ILE A 100 -8.59 -6.96 17.33
CA ILE A 100 -7.58 -7.92 17.82
C ILE A 100 -6.23 -7.23 18.01
N ASP A 101 -5.53 -7.62 19.07
CA ASP A 101 -4.25 -7.09 19.45
C ASP A 101 -4.28 -5.58 19.49
N TYR A 102 -5.26 -5.05 20.17
CA TYR A 102 -5.43 -3.63 20.15
C TYR A 102 -4.31 -2.98 20.98
N GLU A 103 -4.02 -3.57 22.14
CA GLU A 103 -2.96 -3.01 22.99
C GLU A 103 -1.58 -3.10 22.34
N GLU A 104 -1.26 -4.18 21.65
CA GLU A 104 0.02 -4.23 20.91
C GLU A 104 0.02 -3.09 19.92
N LEU A 105 -1.06 -2.92 19.18
CA LEU A 105 -1.08 -1.86 18.22
C LEU A 105 -0.83 -0.54 18.89
N ARG A 106 -1.46 -0.30 20.05
CA ARG A 106 -1.23 0.98 20.73
C ARG A 106 0.23 1.12 21.15
N GLU A 107 0.84 0.00 21.54
CA GLU A 107 2.22 0.04 21.96
C GLU A 107 3.08 0.31 20.72
N GLN A 108 2.77 -0.33 19.60
CA GLN A 108 3.45 0.00 18.35
C GLN A 108 3.33 1.51 18.08
N LEU A 109 2.12 2.05 18.12
CA LEU A 109 1.94 3.48 17.80
C LEU A 109 2.84 4.34 18.66
N SER A 110 3.07 3.90 19.88
CA SER A 110 3.89 4.67 20.82
C SER A 110 5.27 5.06 20.36
N SER A 111 5.88 4.31 19.46
CA SER A 111 7.10 4.83 18.93
C SER A 111 6.88 5.27 17.45
N VAL A 112 5.71 5.87 17.17
CA VAL A 112 5.49 6.43 15.86
C VAL A 112 5.32 7.94 15.98
N SER A 113 6.13 8.71 15.25
CA SER A 113 6.02 10.15 15.35
C SER A 113 5.34 10.79 14.12
N SER A 114 5.17 10.03 13.05
CA SER A 114 4.47 10.58 11.91
C SER A 114 4.14 9.45 10.97
N PHE A 115 3.14 9.64 10.13
CA PHE A 115 2.91 8.69 9.03
C PHE A 115 2.36 9.38 7.77
N GLU A 116 2.33 8.69 6.65
CA GLU A 116 1.71 9.25 5.46
C GLU A 116 0.55 8.37 5.08
N LYS A 117 -0.70 8.90 5.15
CA LYS A 117 -1.91 8.13 4.80
C LYS A 117 -1.90 7.99 3.26
N PHE A 118 -2.19 6.80 2.75
CA PHE A 118 -2.21 6.67 1.31
C PHE A 118 -3.34 5.73 0.97
N GLU A 119 -3.95 5.93 -0.21
CA GLU A 119 -5.14 5.14 -0.58
C GLU A 119 -4.66 3.81 -1.09
N ILE A 120 -4.81 2.73 -0.31
CA ILE A 120 -4.09 1.50 -0.69
C ILE A 120 -4.78 0.70 -1.78
N PHE A 121 -6.09 0.70 -1.79
CA PHE A 121 -6.82 0.13 -2.88
C PHE A 121 -7.87 1.16 -3.22
N PRO A 122 -7.67 1.91 -4.27
CA PRO A 122 -8.73 2.91 -4.40
C PRO A 122 -10.10 2.32 -4.70
N LYS A 123 -11.05 2.66 -3.87
CA LYS A 123 -12.44 2.35 -4.07
C LYS A 123 -12.95 2.50 -5.52
N THR A 124 -12.62 3.53 -6.27
CA THR A 124 -13.33 3.57 -7.51
C THR A 124 -12.67 2.71 -8.56
N SER A 125 -11.56 2.06 -8.26
CA SER A 125 -10.94 1.37 -9.39
C SER A 125 -10.40 -0.03 -9.05
N SER A 126 -10.54 -0.45 -7.83
CA SER A 126 -9.90 -1.70 -7.50
C SER A 126 -10.88 -2.85 -7.56
N TRP A 127 -12.18 -2.58 -7.66
CA TRP A 127 -13.14 -3.60 -7.35
C TRP A 127 -14.27 -3.68 -8.42
N PRO A 128 -13.88 -3.79 -9.70
CA PRO A 128 -14.87 -3.82 -10.76
C PRO A 128 -15.96 -4.89 -10.53
N ASN A 129 -15.63 -6.05 -9.96
CA ASN A 129 -16.61 -7.12 -9.84
C ASN A 129 -17.34 -7.20 -8.50
N HIS A 130 -17.20 -6.18 -7.65
CA HIS A 130 -17.83 -6.23 -6.35
C HIS A 130 -18.48 -4.91 -6.02
N GLU A 131 -19.53 -4.90 -5.22
CA GLU A 131 -20.25 -3.70 -4.91
C GLU A 131 -19.55 -2.93 -3.82
N THR A 132 -19.31 -1.64 -4.06
CA THR A 132 -18.50 -0.81 -3.17
C THR A 132 -19.36 0.27 -2.64
N THR A 133 -20.61 0.37 -3.05
CA THR A 133 -21.40 1.52 -2.62
C THR A 133 -22.46 1.18 -1.59
N LYS A 134 -22.48 -0.02 -1.00
CA LYS A 134 -23.59 -0.28 -0.09
C LYS A 134 -23.19 -0.56 1.34
N GLY A 135 -21.91 -0.50 1.61
CA GLY A 135 -21.43 -0.88 2.94
C GLY A 135 -21.47 0.29 3.91
N VAL A 136 -22.67 0.60 4.35
CA VAL A 136 -22.88 1.62 5.34
C VAL A 136 -23.89 1.14 6.38
N THR A 137 -23.91 1.79 7.51
CA THR A 137 -24.67 1.25 8.62
C THR A 137 -25.03 2.39 9.53
N ALA A 138 -26.24 2.33 10.07
CA ALA A 138 -26.71 3.33 11.03
C ALA A 138 -25.79 3.35 12.24
N ALA A 139 -25.17 2.21 12.55
CA ALA A 139 -24.29 2.16 13.72
C ALA A 139 -23.13 3.14 13.58
N CYS A 140 -22.68 3.31 12.35
CA CYS A 140 -21.63 4.30 12.01
C CYS A 140 -22.17 5.50 11.28
N SER A 141 -23.05 6.28 11.90
CA SER A 141 -23.68 7.29 11.10
C SER A 141 -22.99 8.64 11.11
N TYR A 142 -23.37 9.49 10.19
CA TYR A 142 -22.71 10.75 10.02
C TYR A 142 -23.77 11.71 9.52
N ALA A 143 -24.00 12.82 10.24
CA ALA A 143 -24.97 13.81 9.79
C ALA A 143 -26.33 13.13 9.64
N GLY A 144 -26.66 12.29 10.63
CA GLY A 144 -27.93 11.59 10.65
C GLY A 144 -28.12 10.34 9.77
N ALA A 145 -27.33 10.16 8.70
CA ALA A 145 -27.55 9.00 7.85
C ALA A 145 -26.45 7.95 7.96
N SER A 146 -26.71 6.73 7.46
CA SER A 146 -25.76 5.63 7.57
C SER A 146 -24.49 5.90 6.82
N SER A 147 -23.36 5.52 7.41
CA SER A 147 -22.09 5.76 6.80
C SER A 147 -21.14 4.70 7.34
N PHE A 148 -19.85 4.89 7.28
CA PHE A 148 -18.92 3.84 7.63
C PHE A 148 -17.54 4.45 7.86
N TYR A 149 -16.58 3.67 8.29
CA TYR A 149 -15.27 4.20 8.55
C TYR A 149 -14.75 4.86 7.28
N ARG A 150 -13.88 5.85 7.38
CA ARG A 150 -13.31 6.40 6.19
C ARG A 150 -12.13 5.61 5.66
N ASN A 151 -11.55 4.74 6.45
CA ASN A 151 -10.34 4.07 5.97
C ASN A 151 -10.49 2.60 5.56
N LEU A 152 -11.67 2.02 5.73
CA LEU A 152 -11.94 0.67 5.27
C LEU A 152 -13.15 0.69 4.32
N LEU A 153 -13.19 -0.19 3.31
CA LEU A 153 -14.35 -0.29 2.43
C LEU A 153 -15.00 -1.59 2.70
N TRP A 154 -16.32 -1.56 2.89
CA TRP A 154 -17.11 -2.79 3.08
C TRP A 154 -17.66 -3.32 1.75
N LEU A 155 -16.94 -4.20 1.05
CA LEU A 155 -17.48 -4.87 -0.14
C LEU A 155 -18.62 -5.86 0.16
N THR A 156 -19.64 -5.76 -0.68
CA THR A 156 -20.75 -6.68 -0.68
C THR A 156 -21.02 -7.17 -2.12
N LYS A 157 -22.05 -8.00 -2.31
CA LYS A 157 -22.32 -8.60 -3.61
C LYS A 157 -22.89 -7.64 -4.61
N LYS A 158 -22.36 -7.77 -5.81
CA LYS A 158 -22.86 -7.02 -6.93
C LYS A 158 -23.94 -7.92 -7.52
N GLY A 159 -25.07 -7.35 -7.94
CA GLY A 159 -26.19 -8.19 -8.39
C GLY A 159 -26.46 -9.39 -7.49
N SER A 160 -26.38 -10.60 -8.05
CA SER A 160 -26.74 -11.80 -7.26
C SER A 160 -25.56 -12.74 -7.06
N SER A 161 -24.36 -12.17 -7.06
CA SER A 161 -23.18 -12.99 -7.07
C SER A 161 -21.93 -12.29 -6.57
N TYR A 162 -21.14 -13.00 -5.76
CA TYR A 162 -19.95 -12.38 -5.13
C TYR A 162 -18.75 -13.25 -5.40
N PRO A 163 -18.10 -13.00 -6.51
CA PRO A 163 -17.07 -13.90 -6.99
C PRO A 163 -15.92 -13.81 -6.05
N LYS A 164 -15.10 -14.84 -5.98
CA LYS A 164 -13.94 -14.84 -5.10
C LYS A 164 -12.96 -13.75 -5.51
N LEU A 165 -12.67 -12.81 -4.63
CA LEU A 165 -11.72 -11.74 -4.97
C LEU A 165 -10.35 -12.10 -4.42
N SER A 166 -9.33 -11.66 -5.12
CA SER A 166 -7.96 -11.74 -4.62
C SER A 166 -7.28 -10.44 -5.03
N LYS A 167 -6.50 -9.84 -4.14
CA LYS A 167 -5.95 -8.51 -4.36
C LYS A 167 -4.68 -8.46 -3.58
N SER A 168 -3.55 -8.14 -4.20
CA SER A 168 -2.35 -7.98 -3.38
C SER A 168 -1.92 -6.54 -3.35
N TYR A 169 -1.20 -6.15 -2.30
CA TYR A 169 -0.49 -4.88 -2.29
C TYR A 169 0.95 -5.19 -1.93
N VAL A 170 1.89 -4.67 -2.71
CA VAL A 170 3.33 -4.79 -2.42
C VAL A 170 3.82 -3.50 -1.75
N ASN A 171 4.69 -3.58 -0.77
CA ASN A 171 5.07 -2.39 -0.04
C ASN A 171 6.30 -1.78 -0.67
N ASN A 172 6.06 -0.88 -1.63
CA ASN A 172 7.18 -0.12 -2.22
C ASN A 172 7.45 1.23 -1.55
N LYS A 173 7.19 1.33 -0.26
CA LYS A 173 7.30 2.61 0.39
C LYS A 173 8.60 2.79 1.10
N GLY A 174 9.39 1.71 1.23
CA GLY A 174 10.60 1.75 2.05
C GLY A 174 10.36 2.19 3.49
N LYS A 175 9.25 1.76 4.09
CA LYS A 175 8.90 2.04 5.48
C LYS A 175 7.95 0.95 5.82
N GLU A 176 7.69 0.81 7.11
CA GLU A 176 6.64 -0.08 7.51
C GLU A 176 5.31 0.52 7.08
N VAL A 177 4.40 -0.32 6.62
CA VAL A 177 3.05 0.16 6.33
C VAL A 177 2.08 -0.57 7.26
N LEU A 178 1.30 0.19 8.01
CA LEU A 178 0.29 -0.44 8.86
C LEU A 178 -0.97 -0.71 8.01
N VAL A 179 -1.47 -1.96 7.99
CA VAL A 179 -2.65 -2.21 7.20
C VAL A 179 -3.76 -2.63 8.12
N LEU A 180 -4.90 -1.95 8.06
CA LEU A 180 -6.05 -2.34 8.86
C LEU A 180 -7.09 -2.98 7.96
N TRP A 181 -7.86 -3.92 8.50
CA TRP A 181 -8.97 -4.50 7.76
C TRP A 181 -9.95 -5.18 8.69
N GLY A 182 -10.98 -5.83 8.14
CA GLY A 182 -11.99 -6.37 9.06
C GLY A 182 -12.63 -7.60 8.50
N VAL A 183 -13.17 -8.45 9.36
CA VAL A 183 -13.90 -9.62 8.90
C VAL A 183 -15.26 -9.44 9.52
N HIS A 184 -16.30 -9.74 8.76
CA HIS A 184 -17.60 -9.42 9.25
C HIS A 184 -18.41 -10.70 9.59
N HIS A 185 -19.18 -10.64 10.68
CA HIS A 185 -19.91 -11.80 11.13
C HIS A 185 -21.39 -11.48 11.33
N PRO A 186 -22.21 -11.67 10.30
CA PRO A 186 -23.61 -11.27 10.41
C PRO A 186 -24.43 -12.23 11.31
N PRO A 187 -25.63 -11.80 11.75
CA PRO A 187 -26.40 -12.60 12.73
C PRO A 187 -27.07 -13.87 12.12
N THR A 188 -27.76 -13.74 10.98
CA THR A 188 -28.46 -14.87 10.34
C THR A 188 -27.96 -15.25 8.91
N GLY A 189 -28.06 -16.53 8.57
CA GLY A 189 -27.66 -17.00 7.25
C GLY A 189 -28.37 -16.26 6.15
N THR A 190 -29.48 -15.61 6.49
CA THR A 190 -30.21 -14.83 5.48
C THR A 190 -29.38 -13.60 5.06
N ASP A 191 -28.84 -12.92 6.08
CA ASP A 191 -27.88 -11.84 5.89
C ASP A 191 -26.60 -12.24 5.16
N GLN A 192 -26.00 -13.36 5.53
CA GLN A 192 -24.92 -13.87 4.71
C GLN A 192 -25.33 -13.83 3.21
N GLN A 193 -26.43 -14.48 2.88
CA GLN A 193 -26.90 -14.56 1.52
C GLN A 193 -27.14 -13.22 0.92
N SER A 194 -27.82 -12.34 1.65
CA SER A 194 -28.12 -11.09 1.02
C SER A 194 -26.86 -10.29 0.86
N LEU A 195 -25.93 -10.39 1.82
CA LEU A 195 -24.65 -9.64 1.74
C LEU A 195 -23.65 -10.29 0.78
N TYR A 196 -23.21 -11.50 1.07
CA TYR A 196 -22.13 -12.07 0.25
C TYR A 196 -22.51 -13.29 -0.62
N GLN A 197 -23.78 -13.65 -0.60
CA GLN A 197 -24.28 -14.76 -1.42
C GLN A 197 -23.56 -16.09 -1.29
N ASN A 198 -22.76 -16.32 -0.27
CA ASN A 198 -22.03 -17.54 -0.24
C ASN A 198 -22.11 -17.89 1.21
N ALA A 199 -22.95 -18.88 1.52
CA ALA A 199 -23.26 -19.20 2.90
C ALA A 199 -22.01 -19.75 3.59
N ASP A 200 -21.22 -20.48 2.79
CA ASP A 200 -19.96 -21.03 3.23
C ASP A 200 -18.87 -20.28 2.52
N ALA A 201 -18.62 -19.05 2.98
CA ALA A 201 -17.56 -18.14 2.46
C ALA A 201 -16.35 -18.23 3.36
N TYR A 202 -15.38 -17.35 3.17
CA TYR A 202 -14.19 -17.20 3.99
C TYR A 202 -13.35 -16.00 3.47
N VAL A 203 -12.44 -15.53 4.31
CA VAL A 203 -11.56 -14.45 4.00
C VAL A 203 -10.22 -14.97 4.40
N SER A 204 -9.20 -14.63 3.65
CA SER A 204 -7.85 -15.07 4.01
C SER A 204 -6.81 -14.02 3.66
N VAL A 205 -5.85 -13.85 4.55
CA VAL A 205 -4.93 -12.73 4.46
C VAL A 205 -3.57 -13.27 4.72
N GLY A 206 -2.67 -13.02 3.79
CA GLY A 206 -1.29 -13.53 3.90
C GLY A 206 -0.25 -12.50 3.53
N SER A 207 0.70 -12.29 4.40
CA SER A 207 1.85 -11.44 4.22
C SER A 207 2.96 -12.48 4.04
N SER A 208 4.21 -12.07 4.24
CA SER A 208 5.22 -13.07 4.41
C SER A 208 5.17 -13.37 5.87
N LYS A 209 5.17 -12.37 6.72
CA LYS A 209 5.07 -12.67 8.14
C LYS A 209 3.65 -13.15 8.58
N TYR A 210 2.64 -12.27 8.46
CA TYR A 210 1.28 -12.50 8.93
C TYR A 210 0.63 -13.47 7.99
N ASN A 211 -0.24 -14.35 8.47
CA ASN A 211 -0.79 -15.35 7.58
C ASN A 211 -2.02 -16.13 8.05
N ARG A 212 -3.13 -15.44 8.34
CA ARG A 212 -4.28 -16.11 8.95
C ARG A 212 -5.59 -16.18 8.19
N ARG A 213 -5.99 -17.36 7.75
CA ARG A 213 -7.34 -17.56 7.21
C ARG A 213 -8.52 -17.43 8.26
N PHE A 214 -9.53 -16.61 7.99
CA PHE A 214 -10.68 -16.42 8.89
C PHE A 214 -11.89 -17.00 8.29
N THR A 215 -12.97 -17.07 9.07
CA THR A 215 -14.18 -17.75 8.65
C THR A 215 -15.45 -17.16 9.27
N PRO A 216 -16.46 -16.87 8.44
CA PRO A 216 -17.59 -16.16 9.03
C PRO A 216 -18.38 -17.09 9.96
N GLU A 217 -18.65 -16.66 11.19
CA GLU A 217 -19.37 -17.48 12.19
C GLU A 217 -20.74 -16.89 12.49
N ILE A 218 -21.75 -17.31 11.73
CA ILE A 218 -23.10 -16.72 11.82
C ILE A 218 -23.81 -17.05 13.14
N ALA A 219 -24.08 -16.03 13.95
CA ALA A 219 -24.69 -16.36 15.26
C ALA A 219 -25.67 -15.31 15.82
N ALA A 220 -26.29 -15.65 16.92
CA ALA A 220 -27.21 -14.78 17.63
C ALA A 220 -26.45 -14.02 18.73
N ARG A 221 -26.32 -12.71 18.55
CA ARG A 221 -25.72 -11.91 19.63
C ARG A 221 -26.65 -10.84 20.12
N PRO A 222 -26.50 -10.45 21.38
CA PRO A 222 -27.33 -9.34 21.80
C PRO A 222 -27.04 -8.18 20.87
N LYS A 223 -27.97 -7.23 20.74
CA LYS A 223 -27.75 -6.10 19.84
C LYS A 223 -26.93 -4.99 20.50
N VAL A 224 -25.81 -4.64 19.86
CA VAL A 224 -24.95 -3.59 20.40
C VAL A 224 -24.90 -2.48 19.36
N ARG A 225 -25.26 -1.26 19.77
CA ARG A 225 -25.45 -0.18 18.78
C ARG A 225 -26.38 -0.68 17.69
N ASP A 226 -27.39 -1.41 18.15
CA ASP A 226 -28.47 -1.93 17.34
C ASP A 226 -27.99 -2.88 16.26
N GLN A 227 -27.17 -3.84 16.63
CA GLN A 227 -26.57 -4.69 15.62
C GLN A 227 -26.35 -6.06 16.21
N ALA A 228 -27.05 -7.06 15.68
CA ALA A 228 -26.79 -8.42 16.12
C ALA A 228 -25.62 -8.99 15.34
N GLY A 229 -24.95 -8.18 14.52
CA GLY A 229 -23.82 -8.67 13.75
C GLY A 229 -22.62 -8.10 14.46
N ARG A 230 -21.43 -8.63 14.18
CA ARG A 230 -20.23 -8.13 14.79
C ARG A 230 -19.23 -8.12 13.70
N MET A 231 -18.17 -7.37 13.90
CA MET A 231 -17.15 -7.19 12.92
C MET A 231 -15.82 -7.14 13.68
N ASN A 232 -14.90 -8.06 13.43
CA ASN A 232 -13.57 -7.95 14.05
C ASN A 232 -12.59 -7.10 13.26
N TYR A 233 -11.96 -6.11 13.89
CA TYR A 233 -10.95 -5.31 13.21
C TYR A 233 -9.56 -5.90 13.39
N TYR A 234 -8.72 -5.84 12.35
CA TYR A 234 -7.38 -6.45 12.38
C TYR A 234 -6.32 -5.57 11.86
N TRP A 235 -5.08 -5.79 12.30
CA TRP A 235 -4.02 -4.94 11.78
C TRP A 235 -2.78 -5.76 11.50
N THR A 236 -1.75 -5.13 10.95
CA THR A 236 -0.51 -5.84 10.67
C THR A 236 0.49 -4.85 10.13
N LEU A 237 1.76 -5.12 10.38
CA LEU A 237 2.83 -4.30 9.82
C LEU A 237 3.50 -5.11 8.68
N LEU A 238 3.24 -4.62 7.46
CA LEU A 238 3.81 -5.17 6.23
C LEU A 238 5.17 -4.48 6.02
N GLU A 239 6.21 -5.29 5.95
CA GLU A 239 7.54 -4.71 5.94
C GLU A 239 8.01 -4.32 4.54
N PRO A 240 8.89 -3.33 4.49
CA PRO A 240 9.38 -2.88 3.21
C PRO A 240 9.68 -4.07 2.31
N GLY A 241 9.01 -4.18 1.17
CA GLY A 241 9.33 -5.21 0.21
C GLY A 241 8.28 -6.28 0.26
N ASP A 242 7.59 -6.40 1.38
CA ASP A 242 6.69 -7.53 1.50
C ASP A 242 5.40 -7.22 0.80
N THR A 243 4.66 -8.25 0.42
CA THR A 243 3.40 -8.13 -0.29
C THR A 243 2.26 -8.70 0.56
N ILE A 244 1.08 -8.11 0.58
CA ILE A 244 0.06 -8.71 1.41
C ILE A 244 -1.12 -9.05 0.53
N THR A 245 -1.61 -10.27 0.60
CA THR A 245 -2.66 -10.64 -0.36
C THR A 245 -3.95 -10.96 0.33
N PHE A 246 -5.06 -10.50 -0.21
CA PHE A 246 -6.31 -10.77 0.46
C PHE A 246 -7.06 -11.64 -0.47
N GLU A 247 -7.68 -12.69 0.04
CA GLU A 247 -8.55 -13.50 -0.80
C GLU A 247 -9.87 -13.65 -0.07
N ALA A 248 -11.00 -13.53 -0.77
CA ALA A 248 -12.28 -13.59 -0.08
C ALA A 248 -13.47 -14.05 -0.94
N THR A 249 -14.43 -14.72 -0.28
CA THR A 249 -15.71 -15.02 -0.94
C THR A 249 -16.86 -14.42 -0.16
N GLY A 250 -16.52 -13.61 0.83
CA GLY A 250 -17.47 -12.69 1.43
C GLY A 250 -16.83 -12.18 2.71
N ASN A 251 -17.54 -11.32 3.43
CA ASN A 251 -17.18 -11.01 4.79
C ASN A 251 -15.90 -10.20 4.97
N LEU A 252 -15.17 -9.91 3.90
CA LEU A 252 -14.01 -9.01 4.01
C LEU A 252 -14.34 -7.51 3.99
N ILE A 253 -13.95 -6.80 5.05
CA ILE A 253 -14.03 -5.35 5.07
C ILE A 253 -12.69 -4.83 4.59
N ALA A 254 -12.51 -4.73 3.28
CA ALA A 254 -11.20 -4.36 2.69
C ALA A 254 -10.60 -3.11 3.26
N PRO A 255 -9.27 -3.12 3.33
CA PRO A 255 -8.51 -1.89 3.52
C PRO A 255 -8.88 -0.93 2.44
N TRP A 256 -9.14 0.32 2.78
CA TRP A 256 -9.20 1.44 1.75
C TRP A 256 -8.00 2.40 1.80
N TYR A 257 -7.68 2.89 3.00
CA TYR A 257 -6.49 3.75 3.23
C TYR A 257 -5.58 3.12 4.26
N ALA A 258 -4.27 3.21 4.06
CA ALA A 258 -3.35 2.57 4.98
C ALA A 258 -2.29 3.60 5.33
N PHE A 259 -1.35 3.24 6.19
CA PHE A 259 -0.45 4.27 6.74
C PHE A 259 1.02 3.87 6.69
N ALA A 260 1.86 4.69 6.07
CA ALA A 260 3.29 4.39 6.06
C ALA A 260 3.97 5.04 7.27
N LEU A 261 4.71 4.26 8.06
CA LEU A 261 5.05 4.73 9.39
C LEU A 261 6.44 5.31 9.53
N ASN A 262 6.56 6.40 10.27
CA ASN A 262 7.85 6.92 10.61
C ASN A 262 8.15 6.69 12.11
N ARG A 263 9.15 5.85 12.42
CA ARG A 263 9.42 5.51 13.84
C ARG A 263 10.14 6.65 14.55
N GLY A 264 9.72 6.98 15.77
CA GLY A 264 10.42 8.04 16.51
C GLY A 264 11.10 7.31 17.64
N SER A 265 11.23 7.96 18.78
CA SER A 265 11.26 7.20 20.05
C SER A 265 10.90 8.14 21.17
N GLY A 266 10.59 7.58 22.34
CA GLY A 266 10.21 8.39 23.51
C GLY A 266 9.01 9.30 23.26
N SER A 267 8.09 8.84 22.43
CA SER A 267 6.79 9.45 22.26
C SER A 267 5.89 8.62 23.18
N GLY A 268 4.58 8.81 23.11
CA GLY A 268 3.71 7.87 23.79
C GLY A 268 2.29 8.34 23.83
N ILE A 269 1.46 7.60 24.54
CA ILE A 269 0.04 7.94 24.62
C ILE A 269 -0.26 8.31 26.04
N ILE A 270 -0.92 9.42 26.27
CA ILE A 270 -1.29 9.71 27.64
C ILE A 270 -2.75 10.07 27.76
N THR A 271 -3.28 9.98 28.97
CA THR A 271 -4.68 10.27 29.15
C THR A 271 -4.79 11.51 29.98
N SER A 272 -5.36 12.56 29.39
CA SER A 272 -5.39 13.81 30.08
C SER A 272 -6.57 14.66 29.66
N ASP A 273 -7.07 15.45 30.59
CA ASP A 273 -8.06 16.44 30.30
C ASP A 273 -7.54 17.86 30.43
N ALA A 274 -6.23 18.02 30.60
CA ALA A 274 -5.63 19.32 30.54
C ALA A 274 -5.67 19.86 29.11
N PRO A 275 -5.83 21.19 28.95
CA PRO A 275 -5.92 21.82 27.64
C PRO A 275 -4.56 21.99 26.95
N VAL A 276 -4.52 21.84 25.64
CA VAL A 276 -3.30 22.14 24.89
C VAL A 276 -3.04 23.66 24.75
N HIS A 277 -1.85 24.16 25.06
CA HIS A 277 -1.52 25.53 24.65
C HIS A 277 -0.36 25.66 23.66
N ASP A 278 -0.02 26.89 23.29
CA ASP A 278 1.03 27.12 22.29
C ASP A 278 2.34 27.31 22.99
N CYS A 279 2.83 26.22 23.52
CA CYS A 279 3.63 26.28 24.71
C CYS A 279 4.75 25.27 24.65
N ASN A 280 5.92 25.56 25.20
CA ASN A 280 7.03 24.64 24.98
C ASN A 280 7.70 24.03 26.20
N THR A 281 7.94 22.73 26.18
CA THR A 281 8.53 22.04 27.34
C THR A 281 9.50 20.92 27.01
N LYS A 282 10.33 20.54 27.96
CA LYS A 282 11.23 19.42 27.76
C LYS A 282 10.68 18.20 28.49
N CYS A 283 9.52 18.38 29.12
CA CYS A 283 8.98 17.40 30.02
C CYS A 283 7.50 17.59 30.23
N GLN A 284 6.70 16.60 29.83
CA GLN A 284 5.26 16.75 29.89
C GLN A 284 4.64 15.66 30.74
N THR A 285 3.56 15.99 31.45
CA THR A 285 2.85 15.06 32.29
C THR A 285 1.39 15.21 31.98
N PRO A 286 0.60 14.20 32.30
CA PRO A 286 -0.82 14.35 32.10
C PRO A 286 -1.38 15.50 32.91
N HIS A 287 -0.78 15.87 34.03
CA HIS A 287 -1.30 17.03 34.75
C HIS A 287 -0.86 18.37 34.15
N GLY A 288 0.17 18.35 33.30
CA GLY A 288 0.79 19.58 32.83
C GLY A 288 2.29 19.43 32.79
N ALA A 289 2.98 20.43 32.23
CA ALA A 289 4.41 20.41 31.93
C ALA A 289 5.27 20.84 33.10
N ILE A 290 6.48 20.28 33.19
CA ILE A 290 7.43 20.62 34.23
C ILE A 290 8.65 21.28 33.63
N ASN A 291 9.18 22.28 34.34
CA ASN A 291 10.27 23.10 33.80
C ASN A 291 11.17 23.33 34.96
N SER A 292 12.06 22.38 35.17
CA SER A 292 12.81 22.26 36.40
C SER A 292 14.03 21.39 36.11
N SER A 293 15.06 21.56 36.91
CA SER A 293 16.17 20.65 36.86
C SER A 293 16.45 20.05 38.24
N LEU A 294 15.44 19.94 39.07
CA LEU A 294 15.58 19.15 40.27
C LEU A 294 15.58 17.64 39.92
N PRO A 295 16.26 16.84 40.75
CA PRO A 295 16.31 15.41 40.53
C PRO A 295 14.97 14.70 40.69
N PHE A 296 14.07 15.20 41.54
CA PHE A 296 12.84 14.49 41.82
C PHE A 296 11.60 15.31 41.60
N GLN A 297 10.48 14.67 41.37
CA GLN A 297 9.22 15.40 41.23
C GLN A 297 8.10 14.52 41.76
N ASN A 298 7.06 15.11 42.33
CA ASN A 298 5.95 14.31 42.85
C ASN A 298 4.63 14.62 42.19
N ILE A 299 4.71 15.16 40.99
CA ILE A 299 3.54 15.50 40.23
C ILE A 299 2.88 14.31 39.56
N HIS A 300 3.64 13.42 38.92
CA HIS A 300 3.04 12.31 38.19
C HIS A 300 4.07 11.25 37.80
N PRO A 301 3.72 9.97 37.95
CA PRO A 301 4.58 8.89 37.43
C PRO A 301 4.65 8.86 35.93
N VAL A 302 3.66 9.40 35.23
CA VAL A 302 3.71 9.31 33.81
C VAL A 302 4.38 10.55 33.26
N THR A 303 5.40 10.34 32.43
CA THR A 303 6.27 11.40 32.00
C THR A 303 6.56 11.21 30.54
N ILE A 304 6.75 12.30 29.81
CA ILE A 304 7.33 12.24 28.49
C ILE A 304 8.36 13.35 28.39
N GLY A 305 9.55 13.01 27.90
CA GLY A 305 10.65 13.94 27.66
C GLY A 305 11.75 13.60 28.63
N GLU A 306 12.51 14.60 29.07
CA GLU A 306 13.46 14.36 30.12
C GLU A 306 12.87 14.99 31.35
N CYS A 307 12.60 14.17 32.36
CA CYS A 307 11.87 14.65 33.50
C CYS A 307 12.66 14.28 34.73
N PRO A 308 12.22 14.76 35.91
CA PRO A 308 12.81 14.28 37.15
C PRO A 308 12.18 12.96 37.49
N LYS A 309 12.84 12.19 38.34
CA LYS A 309 12.34 10.92 38.80
C LYS A 309 11.14 11.09 39.72
N TYR A 310 9.98 10.57 39.34
CA TYR A 310 8.82 10.55 40.23
C TYR A 310 9.10 9.90 41.60
N VAL A 311 8.61 10.48 42.69
CA VAL A 311 8.70 9.83 44.01
C VAL A 311 7.50 10.24 44.82
N ARG A 312 7.23 9.53 45.91
CA ARG A 312 5.98 9.71 46.58
C ARG A 312 6.08 10.85 47.54
N SER A 313 7.29 11.34 47.76
CA SER A 313 7.54 12.35 48.75
C SER A 313 6.76 13.62 48.60
N THR A 314 6.70 14.26 49.74
CA THR A 314 5.97 15.47 49.98
C THR A 314 6.95 16.61 50.27
N LYS A 315 8.17 16.24 50.68
CA LYS A 315 9.21 17.17 51.06
C LYS A 315 10.59 16.50 50.92
N LEU A 316 11.50 17.16 50.22
CA LEU A 316 12.86 16.65 50.08
C LEU A 316 13.82 17.84 50.10
N ARG A 317 14.20 18.25 51.29
CA ARG A 317 14.96 19.45 51.41
C ARG A 317 16.29 19.08 51.97
N MET A 318 17.33 19.41 51.24
CA MET A 318 18.65 19.11 51.70
C MET A 318 19.33 20.32 52.35
N ALA A 319 19.79 20.14 53.57
CA ALA A 319 20.61 21.15 54.24
C ALA A 319 21.87 21.38 53.44
N THR A 320 22.29 22.65 53.37
CA THR A 320 23.58 23.05 52.81
C THR A 320 24.26 23.91 53.87
N GLY A 321 23.48 24.84 54.44
CA GLY A 321 23.99 25.71 55.48
C GLY A 321 24.05 25.00 56.80
N LEU A 322 24.10 25.78 57.88
CA LEU A 322 24.16 25.20 59.19
C LEU A 322 22.92 25.56 60.00
N ARG A 323 22.86 25.03 61.21
CA ARG A 323 21.70 25.30 62.06
C ARG A 323 21.62 26.81 62.38
N ASN A 324 20.46 27.41 62.07
CA ASN A 324 20.24 28.86 62.17
C ASN A 324 19.82 29.30 63.57
N ILE A 325 20.79 29.83 64.32
CA ILE A 325 20.63 30.12 65.74
C ILE A 325 20.61 31.62 66.16
N PRO A 326 19.51 32.32 65.86
CA PRO A 326 19.47 33.78 65.96
C PRO A 326 19.35 34.34 67.39
N SER A 327 18.39 33.85 68.17
CA SER A 327 18.17 34.38 69.53
C SER A 327 18.65 35.83 69.68
N GLY B 1 24.95 19.38 68.84
CA GLY B 1 26.28 19.37 68.18
C GLY B 1 27.16 18.19 68.57
N LEU B 2 27.26 17.21 67.67
CA LEU B 2 28.15 16.06 67.80
C LEU B 2 29.58 16.47 68.05
N PHE B 3 29.95 17.69 67.68
CA PHE B 3 31.28 18.20 67.92
C PHE B 3 31.29 19.30 69.00
N GLY B 4 30.16 19.43 69.71
CA GLY B 4 30.07 20.27 70.90
C GLY B 4 30.23 21.78 70.74
N ALA B 5 30.61 22.23 69.54
CA ALA B 5 30.73 23.66 69.26
C ALA B 5 29.37 24.34 69.06
N ILE B 6 28.69 24.00 67.97
CA ILE B 6 27.39 24.62 67.65
C ILE B 6 26.29 24.12 68.55
N ALA B 7 25.47 25.05 69.01
CA ALA B 7 24.43 24.74 69.96
C ALA B 7 25.10 24.11 71.18
N GLY B 8 26.38 24.44 71.38
CA GLY B 8 27.16 23.87 72.45
C GLY B 8 27.95 24.93 73.20
N PHE B 9 29.26 24.77 73.25
CA PHE B 9 30.04 25.69 74.03
C PHE B 9 30.04 27.07 73.40
N ILE B 10 29.61 27.13 72.14
CA ILE B 10 29.38 28.41 71.49
C ILE B 10 27.91 28.55 71.19
N GLU B 11 27.18 29.06 72.17
CA GLU B 11 25.72 29.01 72.16
C GLU B 11 25.00 29.55 70.91
N GLY B 12 25.47 30.63 70.31
CA GLY B 12 24.64 31.35 69.35
C GLY B 12 25.21 31.68 67.98
N GLY B 13 24.33 32.08 67.07
CA GLY B 13 24.72 32.62 65.78
C GLY B 13 24.91 34.14 65.74
N TRP B 14 25.60 34.61 64.70
CA TRP B 14 25.89 36.04 64.58
C TRP B 14 25.21 36.69 63.39
N THR B 15 23.94 37.04 63.55
CA THR B 15 23.21 37.69 62.48
C THR B 15 23.98 38.93 62.02
N GLY B 16 24.91 39.41 62.86
CA GLY B 16 25.84 40.48 62.46
C GLY B 16 26.74 40.06 61.30
N MET B 17 27.47 38.97 61.50
CA MET B 17 28.32 38.43 60.45
C MET B 17 27.49 38.04 59.26
N ILE B 18 27.83 38.59 58.10
CA ILE B 18 27.10 38.23 56.88
C ILE B 18 28.09 37.98 55.76
N ASP B 19 29.39 38.06 56.08
CA ASP B 19 30.47 37.73 55.14
C ASP B 19 30.52 36.23 54.74
N GLY B 20 30.09 35.33 55.63
CA GLY B 20 30.41 33.92 55.47
C GLY B 20 29.95 33.08 56.65
N TRP B 21 30.13 31.77 56.56
CA TRP B 21 29.60 30.86 57.56
C TRP B 21 30.35 30.84 58.87
N TYR B 22 31.67 30.96 58.79
CA TYR B 22 32.52 31.01 59.98
C TYR B 22 33.31 32.32 60.07
N GLY B 23 33.38 32.89 61.27
CA GLY B 23 34.11 34.15 61.42
C GLY B 23 34.44 34.53 62.86
N TYR B 24 35.28 35.54 63.00
CA TYR B 24 35.65 36.00 64.32
C TYR B 24 34.86 37.23 64.69
N HIS B 25 34.70 37.43 66.00
CA HIS B 25 34.32 38.72 66.55
C HIS B 25 35.54 39.36 67.23
N HIS B 26 35.68 40.68 67.09
CA HIS B 26 36.75 41.42 67.81
C HIS B 26 36.36 42.79 68.38
N GLN B 27 36.83 43.07 69.59
CA GLN B 27 36.73 44.43 70.09
C GLN B 27 38.04 45.00 70.63
N ASN B 28 38.84 45.62 69.76
CA ASN B 28 40.02 46.41 70.15
C ASN B 28 39.55 47.81 70.48
N GLU B 29 40.22 48.50 71.40
CA GLU B 29 39.82 49.88 71.71
C GLU B 29 39.40 50.69 70.48
N GLN B 30 40.14 50.53 69.39
CA GLN B 30 39.78 51.20 68.14
C GLN B 30 38.35 50.94 67.68
N GLY B 31 37.74 49.83 68.08
CA GLY B 31 36.35 49.56 67.68
C GLY B 31 35.99 48.10 67.59
N SER B 32 34.72 47.81 67.32
CA SER B 32 34.22 46.42 67.20
C SER B 32 34.00 45.94 65.76
N GLY B 33 33.51 44.72 65.59
CA GLY B 33 33.17 44.21 64.24
C GLY B 33 33.18 42.71 63.96
N TYR B 34 32.94 42.35 62.70
CA TYR B 34 32.92 40.94 62.27
C TYR B 34 33.75 40.75 61.02
N ALA B 35 34.38 39.58 60.92
CA ALA B 35 35.22 39.30 59.78
C ALA B 35 35.15 37.81 59.61
N ALA B 36 34.60 37.38 58.49
CA ALA B 36 34.40 35.97 58.25
C ALA B 36 35.69 35.37 57.73
N ASP B 37 35.90 34.10 58.02
CA ASP B 37 37.12 33.43 57.62
C ASP B 37 37.08 32.89 56.18
N GLN B 38 37.96 33.40 55.32
CA GLN B 38 37.96 32.94 53.93
C GLN B 38 38.25 31.47 53.74
N LYS B 39 39.44 31.07 54.18
CA LYS B 39 39.92 29.72 53.98
C LYS B 39 38.89 28.65 54.36
N SER B 40 38.39 28.72 55.59
CA SER B 40 37.40 27.74 56.04
C SER B 40 36.11 27.88 55.24
N THR B 41 35.55 29.08 55.27
CA THR B 41 34.27 29.28 54.61
C THR B 41 34.31 28.80 53.16
N GLN B 42 35.34 29.20 52.43
CA GLN B 42 35.44 28.80 51.03
C GLN B 42 35.55 27.29 50.88
N ASN B 43 36.22 26.66 51.85
CA ASN B 43 36.28 25.21 51.87
C ASN B 43 34.94 24.58 52.04
N ALA B 44 34.27 24.92 53.13
CA ALA B 44 32.91 24.48 53.36
C ALA B 44 32.01 24.75 52.15
N ILE B 45 32.09 25.96 51.61
CA ILE B 45 31.37 26.26 50.40
C ILE B 45 31.67 25.19 49.35
N ASP B 46 32.96 25.01 49.06
CA ASP B 46 33.35 24.14 47.98
C ASP B 46 32.85 22.71 48.23
N GLY B 47 33.07 22.24 49.45
CA GLY B 47 32.75 20.87 49.76
C GLY B 47 31.27 20.64 49.60
N ILE B 48 30.47 21.40 50.34
CA ILE B 48 29.02 21.24 50.29
C ILE B 48 28.49 21.41 48.87
N THR B 49 29.17 22.19 48.06
CA THR B 49 28.78 22.30 46.67
C THR B 49 29.00 20.94 46.02
N ASN B 50 30.19 20.40 46.22
CA ASN B 50 30.48 19.09 45.69
C ASN B 50 29.45 18.06 46.20
N LYS B 51 28.99 18.21 47.44
CA LYS B 51 28.15 17.19 47.99
C LYS B 51 26.82 17.20 47.28
N VAL B 52 26.28 18.39 47.01
CA VAL B 52 24.98 18.42 46.39
C VAL B 52 25.09 17.89 44.96
N ASN B 53 26.12 18.31 44.25
CA ASN B 53 26.30 17.89 42.89
C ASN B 53 26.53 16.41 42.78
N SER B 54 27.24 15.83 43.74
CA SER B 54 27.56 14.42 43.69
C SER B 54 26.30 13.60 43.92
N VAL B 55 25.47 14.05 44.84
CA VAL B 55 24.24 13.34 45.05
C VAL B 55 23.35 13.41 43.81
N ILE B 56 23.22 14.59 43.23
CA ILE B 56 22.39 14.76 42.07
C ILE B 56 22.89 14.00 40.84
N GLU B 57 24.20 13.89 40.65
CA GLU B 57 24.71 13.11 39.51
C GLU B 57 24.31 11.64 39.58
N LYS B 58 24.23 11.11 40.79
CA LYS B 58 23.86 9.74 40.97
C LYS B 58 22.44 9.48 40.47
N MET B 59 21.66 10.56 40.33
CA MET B 59 20.33 10.51 39.71
C MET B 59 20.39 10.78 38.21
N ASN B 60 20.38 9.72 37.45
CA ASN B 60 20.08 9.82 36.06
C ASN B 60 18.66 10.44 36.03
N THR B 61 18.43 11.44 35.18
CA THR B 61 17.08 11.97 34.94
C THR B 61 16.22 10.90 34.29
N GLN B 62 14.97 10.78 34.73
CA GLN B 62 13.91 9.94 34.13
C GLN B 62 13.49 10.21 32.64
N PHE B 63 13.52 9.17 31.79
CA PHE B 63 13.10 9.36 30.38
C PHE B 63 11.69 8.88 30.20
N THR B 64 11.17 9.00 28.99
CA THR B 64 9.77 8.67 28.76
C THR B 64 9.40 7.31 29.35
N ALA B 65 8.41 7.34 30.24
CA ALA B 65 7.86 6.13 30.82
C ALA B 65 6.35 6.37 30.83
N VAL B 66 5.63 5.74 29.87
CA VAL B 66 4.19 5.79 29.88
C VAL B 66 3.72 4.39 30.19
N GLY B 67 2.57 4.30 30.84
CA GLY B 67 2.06 3.02 31.31
C GLY B 67 1.65 2.14 30.14
N LYS B 68 1.30 0.89 30.44
CA LYS B 68 0.96 -0.05 29.44
C LYS B 68 -0.50 -0.42 29.61
N GLU B 69 -1.22 -0.61 28.52
CA GLU B 69 -2.54 -1.19 28.57
C GLU B 69 -2.60 -2.74 28.53
N PHE B 70 -3.67 -3.34 29.06
CA PHE B 70 -3.88 -4.79 29.02
C PHE B 70 -5.35 -5.12 28.89
N ASN B 71 -5.69 -6.24 28.27
CA ASN B 71 -7.09 -6.62 28.08
C ASN B 71 -7.51 -7.53 29.23
N ASN B 72 -8.79 -7.87 29.31
CA ASN B 72 -9.29 -8.51 30.50
C ASN B 72 -8.86 -9.97 30.68
N LEU B 73 -8.11 -10.51 29.74
CA LEU B 73 -7.52 -11.84 29.98
C LEU B 73 -6.07 -11.76 30.33
N GLU B 74 -5.64 -10.60 30.82
CA GLU B 74 -4.21 -10.31 30.99
C GLU B 74 -4.02 -9.75 32.37
N ARG B 75 -4.90 -10.16 33.26
CA ARG B 75 -4.87 -9.62 34.59
C ARG B 75 -3.54 -9.97 35.32
N ARG B 76 -2.99 -11.15 35.06
CA ARG B 76 -1.76 -11.59 35.75
C ARG B 76 -0.63 -10.69 35.32
N ILE B 77 -0.50 -10.50 34.04
CA ILE B 77 0.58 -9.69 33.58
C ILE B 77 0.35 -8.19 33.84
N GLU B 78 -0.90 -7.75 33.87
CA GLU B 78 -1.19 -6.38 34.32
C GLU B 78 -0.80 -6.23 35.79
N ASN B 79 -0.99 -7.28 36.58
CA ASN B 79 -0.58 -7.22 37.96
C ASN B 79 0.94 -7.33 38.09
N LEU B 80 1.58 -8.12 37.25
CA LEU B 80 3.03 -8.16 37.25
C LEU B 80 3.53 -6.75 36.98
N ASN B 81 2.96 -6.08 35.99
CA ASN B 81 3.44 -4.79 35.63
C ASN B 81 3.23 -3.76 36.76
N LYS B 82 2.14 -3.88 37.50
CA LYS B 82 1.93 -2.94 38.58
C LYS B 82 2.92 -3.21 39.72
N LYS B 83 3.21 -4.48 39.90
CA LYS B 83 4.13 -4.85 40.92
C LYS B 83 5.46 -4.21 40.61
N VAL B 84 5.89 -4.23 39.35
CA VAL B 84 7.16 -3.64 39.05
C VAL B 84 7.06 -2.11 39.27
N ASP B 85 6.00 -1.50 38.75
CA ASP B 85 5.92 -0.06 38.91
C ASP B 85 5.96 0.31 40.38
N ASP B 86 5.19 -0.41 41.19
CA ASP B 86 5.11 -0.04 42.60
C ASP B 86 6.40 -0.37 43.31
N GLY B 87 7.10 -1.38 42.83
CA GLY B 87 8.28 -1.88 43.51
C GLY B 87 9.37 -0.87 43.32
N PHE B 88 9.57 -0.41 42.08
CA PHE B 88 10.58 0.56 41.87
C PHE B 88 10.23 1.90 42.56
N LEU B 89 8.96 2.27 42.53
CA LEU B 89 8.56 3.49 43.18
C LEU B 89 8.84 3.42 44.68
N ASP B 90 8.73 2.26 45.28
CA ASP B 90 9.02 2.24 46.71
C ASP B 90 10.46 2.47 46.92
N ILE B 91 11.26 1.71 46.17
CA ILE B 91 12.68 1.86 46.29
C ILE B 91 13.14 3.28 46.03
N TRP B 92 12.67 3.97 45.00
CA TRP B 92 13.24 5.27 44.82
C TRP B 92 12.78 6.23 45.92
N THR B 93 11.54 6.06 46.39
CA THR B 93 11.03 6.95 47.41
C THR B 93 11.83 6.75 48.68
N TYR B 94 12.11 5.50 49.01
CA TYR B 94 12.90 5.17 50.21
C TYR B 94 14.32 5.72 50.05
N ASN B 95 14.96 5.45 48.92
CA ASN B 95 16.29 5.99 48.73
C ASN B 95 16.32 7.49 48.86
N ALA B 96 15.43 8.19 48.18
CA ALA B 96 15.50 9.64 48.23
C ALA B 96 15.39 10.18 49.67
N GLU B 97 14.43 9.65 50.40
CA GLU B 97 14.11 10.25 51.65
C GLU B 97 15.14 9.88 52.68
N LEU B 98 15.56 8.64 52.64
CA LEU B 98 16.51 8.13 53.60
C LEU B 98 17.88 8.82 53.46
N LEU B 99 18.37 8.92 52.24
CA LEU B 99 19.54 9.70 51.97
C LEU B 99 19.47 11.15 52.55
N VAL B 100 18.44 11.88 52.20
CA VAL B 100 18.32 13.21 52.69
C VAL B 100 18.31 13.31 54.26
N LEU B 101 17.64 12.38 54.93
CA LEU B 101 17.70 12.32 56.39
C LEU B 101 19.13 12.16 56.87
N LEU B 102 19.75 11.08 56.42
CA LEU B 102 21.06 10.73 56.88
C LEU B 102 22.04 11.84 56.53
N GLU B 103 22.02 12.31 55.30
CA GLU B 103 23.00 13.31 54.88
C GLU B 103 22.76 14.68 55.47
N ASN B 104 21.56 14.95 55.91
CA ASN B 104 21.40 16.19 56.59
C ASN B 104 22.14 16.20 57.92
N GLU B 105 22.17 15.05 58.60
CA GLU B 105 22.89 14.96 59.85
C GLU B 105 24.36 15.16 59.59
N ARG B 106 24.87 14.59 58.51
CA ARG B 106 26.30 14.67 58.22
C ARG B 106 26.70 16.10 57.92
N THR B 107 25.91 16.76 57.10
CA THR B 107 26.16 18.14 56.78
C THR B 107 26.27 19.01 58.03
N LEU B 108 25.27 18.94 58.91
CA LEU B 108 25.29 19.80 60.09
C LEU B 108 26.55 19.46 60.90
N ASP B 109 26.85 18.17 61.04
CA ASP B 109 28.07 17.76 61.71
C ASP B 109 29.27 18.50 61.10
N PHE B 110 29.40 18.39 59.79
CA PHE B 110 30.48 19.05 59.07
C PHE B 110 30.72 20.50 59.58
N HIS B 111 29.63 21.28 59.62
CA HIS B 111 29.70 22.69 59.98
C HIS B 111 30.17 22.83 61.42
N ASP B 112 29.54 22.08 62.33
CA ASP B 112 29.96 22.03 63.73
C ASP B 112 31.47 21.77 63.70
N SER B 113 31.87 20.66 63.07
CA SER B 113 33.29 20.30 63.03
C SER B 113 34.22 21.42 62.49
N ASN B 114 33.90 22.00 61.34
CA ASN B 114 34.76 23.09 60.84
C ASN B 114 34.98 24.14 61.94
N VAL B 115 33.91 24.58 62.60
CA VAL B 115 33.99 25.60 63.65
C VAL B 115 34.97 25.22 64.78
N ARG B 116 34.82 24.00 65.29
CA ARG B 116 35.73 23.49 66.31
C ARG B 116 37.17 23.55 65.80
N ASN B 117 37.43 23.09 64.58
CA ASN B 117 38.77 23.20 63.99
C ASN B 117 39.33 24.61 64.04
N LEU B 118 38.47 25.58 63.73
CA LEU B 118 38.86 26.95 63.66
C LEU B 118 39.31 27.36 65.05
N TYR B 119 38.38 27.31 66.00
CA TYR B 119 38.67 27.64 67.37
C TYR B 119 39.99 27.05 67.83
N GLU B 120 40.16 25.74 67.65
CA GLU B 120 41.32 25.06 68.22
C GLU B 120 42.63 25.48 67.54
N LYS B 121 42.54 25.84 66.26
CA LYS B 121 43.66 26.33 65.46
C LYS B 121 44.13 27.70 65.95
N VAL B 122 43.18 28.48 66.46
CA VAL B 122 43.49 29.73 67.08
C VAL B 122 44.09 29.45 68.45
N LYS B 123 43.38 28.64 69.23
CA LYS B 123 43.84 28.32 70.56
C LYS B 123 45.29 27.86 70.57
N SER B 124 45.67 27.03 69.61
CA SER B 124 47.05 26.54 69.55
C SER B 124 48.04 27.64 69.15
N GLN B 125 47.53 28.77 68.65
CA GLN B 125 48.38 29.93 68.34
C GLN B 125 48.66 30.85 69.54
N LEU B 126 47.61 31.09 70.33
CA LEU B 126 47.63 32.02 71.45
C LEU B 126 48.27 31.46 72.73
N LYS B 127 47.78 30.33 73.22
CA LYS B 127 48.24 29.77 74.50
C LYS B 127 48.23 30.83 75.58
N ASN B 128 49.38 30.99 76.24
CA ASN B 128 49.55 31.94 77.33
C ASN B 128 49.10 33.36 77.00
N ASN B 129 49.44 33.83 75.80
CA ASN B 129 49.17 35.22 75.42
C ASN B 129 47.70 35.65 75.55
N ALA B 130 46.81 34.69 75.88
CA ALA B 130 45.39 34.96 76.10
C ALA B 130 44.74 33.81 76.90
N LYS B 131 43.54 34.02 77.46
CA LYS B 131 42.88 32.96 78.23
C LYS B 131 41.48 32.56 77.71
N GLU B 132 41.11 31.30 77.93
CA GLU B 132 39.81 30.80 77.52
C GLU B 132 38.68 31.45 78.32
N ILE B 133 38.13 32.53 77.77
CA ILE B 133 37.07 33.26 78.44
C ILE B 133 35.64 32.81 78.10
N GLY B 134 35.49 31.59 77.60
CA GLY B 134 34.17 30.97 77.39
C GLY B 134 33.45 31.31 76.09
N ASN B 135 32.62 30.37 75.63
CA ASN B 135 31.86 30.56 74.39
C ASN B 135 32.71 31.03 73.22
N GLY B 136 33.83 30.34 73.02
CA GLY B 136 34.67 30.55 71.86
C GLY B 136 35.37 31.90 71.86
N CYS B 137 35.73 32.39 73.05
CA CYS B 137 36.37 33.69 73.17
C CYS B 137 37.70 33.61 73.85
N PHE B 138 38.63 34.38 73.34
CA PHE B 138 39.91 34.50 73.96
C PHE B 138 40.00 35.90 74.58
N GLU B 139 40.78 36.06 75.64
CA GLU B 139 41.06 37.40 76.14
C GLU B 139 42.55 37.64 76.13
N PHE B 140 42.98 38.64 75.38
CA PHE B 140 44.39 38.94 75.26
C PHE B 140 45.05 39.44 76.56
N TYR B 141 46.14 38.77 76.94
CA TYR B 141 46.99 39.19 78.05
C TYR B 141 47.77 40.43 77.67
N HIS B 142 47.77 40.79 76.39
CA HIS B 142 48.43 42.00 75.94
C HIS B 142 47.47 42.80 75.11
N LYS B 143 47.81 44.06 74.90
CA LYS B 143 47.01 44.96 74.08
C LYS B 143 47.31 44.66 72.60
N CYS B 144 46.29 44.73 71.75
CA CYS B 144 46.47 44.40 70.33
C CYS B 144 45.56 45.27 69.48
N ASP B 145 45.89 45.50 68.21
CA ASP B 145 45.15 46.46 67.40
C ASP B 145 44.63 45.89 66.09
N ASP B 146 43.81 46.65 65.38
CA ASP B 146 43.14 46.18 64.17
C ASP B 146 44.08 45.48 63.18
N ALA B 147 45.24 46.04 62.93
CA ALA B 147 46.20 45.41 62.02
C ALA B 147 46.69 44.09 62.61
N CYS B 148 46.78 44.07 63.93
CA CYS B 148 47.17 42.88 64.70
C CYS B 148 46.05 41.85 64.68
N MET B 149 44.81 42.34 64.68
CA MET B 149 43.66 41.46 64.58
C MET B 149 43.75 40.66 63.28
N GLU B 150 44.35 41.26 62.25
CA GLU B 150 44.53 40.60 60.96
C GLU B 150 45.63 39.53 60.99
N SER B 151 46.44 39.51 62.04
CA SER B 151 47.48 38.48 62.17
C SER B 151 46.85 37.17 62.62
N VAL B 152 45.75 37.30 63.36
CA VAL B 152 45.07 36.16 63.92
C VAL B 152 44.35 35.42 62.79
N ARG B 153 43.43 36.15 62.18
CA ARG B 153 42.70 35.68 61.03
C ARG B 153 43.64 35.29 59.89
N ASN B 154 44.91 35.61 60.02
CA ASN B 154 45.92 35.35 59.01
C ASN B 154 46.40 33.90 59.17
N GLY B 155 46.29 33.39 60.39
CA GLY B 155 46.97 32.17 60.79
C GLY B 155 48.48 32.38 60.91
N THR B 156 48.90 33.63 61.18
CA THR B 156 50.32 33.93 61.30
C THR B 156 50.70 34.74 62.56
N TYR B 157 49.77 34.85 63.51
CA TYR B 157 50.02 35.62 64.72
C TYR B 157 51.35 35.23 65.37
N ASP B 158 52.19 36.23 65.66
CA ASP B 158 53.54 36.01 66.13
C ASP B 158 53.59 35.87 67.66
N TYR B 159 53.52 34.62 68.14
CA TYR B 159 53.42 34.35 69.59
C TYR B 159 54.56 34.90 70.44
N PRO B 160 55.77 34.92 69.87
CA PRO B 160 56.95 35.46 70.53
C PRO B 160 56.86 36.98 70.68
N LYS B 161 56.38 37.64 69.64
CA LYS B 161 56.35 39.10 69.60
C LYS B 161 55.52 39.73 70.74
N TYR B 162 54.70 38.94 71.42
CA TYR B 162 53.90 39.44 72.54
C TYR B 162 54.03 38.58 73.78
N SER B 163 54.89 37.57 73.72
CA SER B 163 55.03 36.61 74.82
C SER B 163 55.61 37.27 76.05
N GLU B 164 56.58 38.16 75.81
CA GLU B 164 57.17 39.02 76.81
C GLU B 164 56.09 39.82 77.53
N GLU B 165 55.36 40.61 76.75
CA GLU B 165 54.38 41.51 77.31
C GLU B 165 53.36 40.75 78.13
N SER B 166 52.83 39.69 77.54
CA SER B 166 51.78 38.88 78.14
C SER B 166 52.24 38.19 79.41
N LYS B 167 53.51 37.78 79.43
CA LYS B 167 54.09 37.10 80.58
C LYS B 167 53.90 37.94 81.84
N LEU B 168 54.46 39.14 81.85
CA LEU B 168 54.39 40.00 83.05
C LEU B 168 52.96 40.45 83.35
N ASN B 169 52.10 40.43 82.35
CA ASN B 169 50.69 40.72 82.54
C ASN B 169 49.96 39.58 83.24
N ARG B 170 50.14 38.38 82.70
CA ARG B 170 49.45 37.19 83.21
C ARG B 170 49.86 36.92 84.66
N GLU B 171 51.13 37.20 84.93
CA GLU B 171 51.76 36.88 86.20
C GLU B 171 51.31 37.82 87.34
N GLU B 172 50.40 38.73 87.04
CA GLU B 172 49.89 39.63 88.06
C GLU B 172 48.61 39.08 88.70
N ILE B 173 48.07 38.01 88.11
CA ILE B 173 46.82 37.36 88.57
C ILE B 173 46.85 36.88 90.01
N VAL C 2 -26.74 -18.70 -24.19
CA VAL C 2 -25.79 -17.55 -24.05
C VAL C 2 -25.00 -17.35 -25.33
N GLN C 3 -25.41 -16.41 -26.19
CA GLN C 3 -24.63 -16.10 -27.38
C GLN C 3 -24.50 -14.59 -27.63
N LEU C 4 -23.46 -14.18 -28.37
CA LEU C 4 -23.23 -12.79 -28.67
C LEU C 4 -23.00 -12.48 -30.17
N VAL C 5 -23.87 -11.65 -30.77
CA VAL C 5 -23.60 -11.17 -32.15
C VAL C 5 -23.21 -9.71 -32.10
N GLU C 6 -22.00 -9.42 -32.53
CA GLU C 6 -21.61 -8.06 -32.84
C GLU C 6 -22.13 -7.67 -34.23
N SER C 7 -22.50 -6.40 -34.37
CA SER C 7 -23.10 -5.87 -35.59
C SER C 7 -22.93 -4.35 -35.72
N GLY C 8 -22.70 -3.90 -36.94
CA GLY C 8 -22.46 -2.48 -37.23
C GLY C 8 -22.04 -2.27 -38.67
N PRO C 9 -21.93 -1.00 -39.09
CA PRO C 9 -21.45 -0.70 -40.46
C PRO C 9 -20.15 -1.43 -40.71
N ALA C 10 -19.94 -1.90 -41.93
CA ALA C 10 -18.69 -2.54 -42.29
C ALA C 10 -17.75 -1.48 -42.83
N LEU C 11 -18.34 -0.36 -43.25
CA LEU C 11 -17.60 0.72 -43.85
C LEU C 11 -17.94 2.04 -43.16
N VAL C 12 -16.93 2.87 -42.91
CA VAL C 12 -17.19 4.21 -42.36
C VAL C 12 -16.17 5.16 -42.90
N LYS C 13 -16.62 6.34 -43.33
CA LYS C 13 -15.74 7.42 -43.75
C LYS C 13 -14.98 7.97 -42.54
N PRO C 14 -13.73 8.33 -42.75
CA PRO C 14 -12.95 9.00 -41.72
C PRO C 14 -13.73 10.17 -41.09
N THR C 15 -13.55 10.38 -39.79
CA THR C 15 -14.26 11.44 -39.08
C THR C 15 -15.72 11.11 -38.76
N GLN C 16 -16.24 9.96 -39.14
CA GLN C 16 -17.61 9.69 -38.79
C GLN C 16 -17.60 8.92 -37.47
N THR C 17 -18.79 8.72 -36.92
CA THR C 17 -18.95 8.01 -35.67
C THR C 17 -19.48 6.60 -35.93
N LEU C 18 -18.81 5.58 -35.37
CA LEU C 18 -19.19 4.18 -35.54
C LEU C 18 -20.07 3.78 -34.36
N THR C 19 -21.24 3.23 -34.62
CA THR C 19 -21.99 2.61 -33.55
C THR C 19 -22.02 1.10 -33.76
N LEU C 20 -21.40 0.36 -32.86
CA LEU C 20 -21.44 -1.09 -32.96
C LEU C 20 -22.40 -1.59 -31.90
N THR C 21 -23.34 -2.48 -32.22
CA THR C 21 -24.08 -3.09 -31.13
C THR C 21 -23.80 -4.58 -30.93
N CYS C 22 -23.96 -5.00 -29.70
CA CYS C 22 -23.65 -6.35 -29.31
C CYS C 22 -24.98 -6.91 -28.91
N SER C 23 -25.42 -7.96 -29.55
CA SER C 23 -26.67 -8.50 -29.09
C SER C 23 -26.49 -9.82 -28.36
N PHE C 24 -27.22 -9.94 -27.27
CA PHE C 24 -27.25 -11.17 -26.49
C PHE C 24 -28.43 -12.03 -26.85
N SER C 25 -28.17 -13.30 -27.11
CA SER C 25 -29.19 -14.31 -27.43
C SER C 25 -29.09 -15.40 -26.39
N GLY C 26 -30.21 -16.02 -26.03
CA GLY C 26 -30.19 -17.16 -25.12
C GLY C 26 -30.61 -16.79 -23.72
N PHE C 27 -31.42 -17.65 -23.11
CA PHE C 27 -31.93 -17.40 -21.76
C PHE C 27 -30.96 -17.89 -20.68
N SER C 28 -31.26 -17.58 -19.42
CA SER C 28 -30.41 -17.94 -18.29
C SER C 28 -31.30 -18.07 -17.04
N LEU C 29 -31.29 -19.24 -16.42
CA LEU C 29 -31.87 -19.35 -15.08
C LEU C 29 -30.73 -19.33 -14.08
N SER C 30 -29.82 -18.40 -14.28
CA SER C 30 -28.49 -18.46 -13.69
C SER C 30 -28.41 -17.39 -12.59
N THR C 31 -27.83 -17.72 -11.44
CA THR C 31 -27.55 -16.65 -10.46
C THR C 31 -26.14 -16.09 -10.72
N SER C 32 -26.06 -15.23 -11.73
CA SER C 32 -24.82 -14.63 -12.07
C SER C 32 -25.08 -13.34 -12.80
N GLY C 33 -24.17 -12.40 -12.60
CA GLY C 33 -24.13 -11.20 -13.43
C GLY C 33 -22.86 -11.29 -14.22
N MET C 34 -22.66 -10.29 -15.03
CA MET C 34 -21.55 -10.27 -15.96
C MET C 34 -21.40 -8.82 -16.36
N SER C 35 -20.23 -8.47 -16.87
CA SER C 35 -20.07 -7.18 -17.56
C SER C 35 -19.74 -7.56 -19.00
N VAL C 36 -19.84 -6.59 -19.90
CA VAL C 36 -19.46 -6.79 -21.29
C VAL C 36 -18.34 -5.84 -21.66
N SER C 37 -17.38 -6.32 -22.44
CA SER C 37 -16.26 -5.48 -22.83
C SER C 37 -16.32 -5.35 -24.31
N TRP C 38 -15.73 -4.29 -24.85
CA TRP C 38 -15.42 -4.22 -26.28
C TRP C 38 -13.91 -4.32 -26.40
N ILE C 39 -13.44 -5.11 -27.35
CA ILE C 39 -12.00 -5.30 -27.55
C ILE C 39 -11.72 -5.34 -29.02
N ARG C 40 -10.72 -4.66 -29.51
CA ARG C 40 -10.57 -4.62 -30.96
C ARG C 40 -9.20 -5.15 -31.36
N GLN C 41 -9.07 -5.62 -32.59
CA GLN C 41 -7.80 -6.16 -33.07
C GLN C 41 -7.61 -5.73 -34.50
N PRO C 42 -6.58 -4.89 -34.75
CA PRO C 42 -6.12 -4.65 -36.13
C PRO C 42 -5.60 -5.95 -36.78
N PRO C 43 -5.63 -5.98 -38.11
CA PRO C 43 -5.11 -7.12 -38.87
C PRO C 43 -3.66 -7.34 -38.53
N GLY C 44 -3.36 -8.54 -38.09
CA GLY C 44 -2.01 -8.93 -37.73
C GLY C 44 -1.54 -8.32 -36.42
N LYS C 45 -2.42 -7.69 -35.65
CA LYS C 45 -1.97 -6.99 -34.44
C LYS C 45 -2.44 -7.59 -33.11
N ALA C 46 -1.99 -7.00 -32.00
CA ALA C 46 -2.41 -7.47 -30.68
C ALA C 46 -3.78 -7.02 -30.37
N LEU C 47 -4.42 -7.71 -29.42
CA LEU C 47 -5.71 -7.27 -28.92
C LEU C 47 -5.55 -6.01 -28.10
N GLU C 48 -6.54 -5.15 -28.24
CA GLU C 48 -6.58 -3.96 -27.46
C GLU C 48 -7.95 -3.80 -26.80
N TRP C 49 -7.97 -3.77 -25.47
CA TRP C 49 -9.22 -3.56 -24.75
C TRP C 49 -9.73 -2.12 -24.87
N LEU C 50 -11.02 -1.96 -25.08
CA LEU C 50 -11.58 -0.63 -25.28
C LEU C 50 -12.43 -0.08 -24.16
N ALA C 51 -13.33 -0.89 -23.61
CA ALA C 51 -14.32 -0.36 -22.68
C ALA C 51 -15.00 -1.51 -22.06
N LEU C 52 -15.72 -1.24 -20.99
CA LEU C 52 -16.49 -2.30 -20.35
C LEU C 52 -17.68 -1.72 -19.59
N ILE C 53 -18.73 -2.52 -19.44
CA ILE C 53 -19.93 -2.04 -18.79
C ILE C 53 -20.56 -3.19 -18.05
N ASP C 54 -21.08 -2.91 -16.89
CA ASP C 54 -21.46 -3.96 -16.03
C ASP C 54 -22.96 -4.23 -16.20
N TRP C 55 -23.32 -5.49 -16.07
CA TRP C 55 -24.65 -5.89 -16.38
C TRP C 55 -25.63 -5.51 -15.28
N ASP C 56 -25.28 -5.83 -14.03
CA ASP C 56 -26.20 -5.46 -12.93
C ASP C 56 -25.87 -4.15 -12.26
N ASP C 57 -25.10 -3.30 -12.92
CA ASP C 57 -24.51 -2.23 -12.18
C ASP C 57 -24.62 -0.81 -12.67
N ASP C 58 -24.46 -0.60 -13.95
CA ASP C 58 -24.28 0.77 -14.40
C ASP C 58 -22.87 1.29 -14.25
N THR C 59 -21.96 0.56 -13.64
CA THR C 59 -20.64 1.12 -13.64
C THR C 59 -19.96 0.81 -14.95
N TYR C 60 -19.07 1.67 -15.41
CA TYR C 60 -18.33 1.40 -16.66
C TYR C 60 -16.89 1.92 -16.70
N TYR C 61 -16.09 1.37 -17.61
CA TYR C 61 -14.74 1.80 -17.73
C TYR C 61 -14.37 1.97 -19.18
N ILE C 62 -13.47 2.91 -19.44
CA ILE C 62 -13.00 3.14 -20.79
C ILE C 62 -11.49 3.19 -20.78
N THR C 63 -10.85 2.56 -21.75
CA THR C 63 -9.37 2.63 -21.85
C THR C 63 -8.78 4.02 -21.58
N TYR C 64 -7.73 4.05 -20.77
CA TYR C 64 -7.11 5.31 -20.34
C TYR C 64 -6.41 5.79 -21.59
N SER C 65 -6.43 4.96 -22.63
CA SER C 65 -5.65 5.25 -23.77
C SER C 65 -6.11 6.61 -24.34
N SER C 66 -5.31 7.65 -24.14
CA SER C 66 -5.83 9.00 -24.36
C SER C 66 -6.02 9.43 -25.84
N SER C 67 -5.53 8.62 -26.78
CA SER C 67 -5.84 8.77 -28.18
C SER C 67 -7.33 8.38 -28.42
N LEU C 68 -7.92 7.73 -27.41
CA LEU C 68 -9.27 7.26 -27.59
C LEU C 68 -10.20 7.19 -26.38
N LYS C 69 -9.76 7.75 -25.25
CA LYS C 69 -10.59 7.93 -24.05
C LYS C 69 -11.69 8.94 -24.27
N THR C 70 -11.48 9.90 -25.13
CA THR C 70 -12.52 10.91 -25.33
C THR C 70 -13.35 10.60 -26.58
N ARG C 71 -13.18 9.45 -27.18
CA ARG C 71 -14.03 9.21 -28.34
C ARG C 71 -15.02 8.10 -28.06
N LEU C 72 -14.78 7.32 -27.02
CA LEU C 72 -15.67 6.19 -26.73
C LEU C 72 -16.83 6.48 -25.75
N THR C 73 -17.93 5.80 -25.98
CA THR C 73 -19.09 5.82 -25.10
C THR C 73 -19.64 4.42 -25.05
N ILE C 74 -20.03 3.94 -23.88
CA ILE C 74 -20.58 2.62 -23.86
C ILE C 74 -21.86 2.67 -23.06
N SER C 75 -22.90 1.97 -23.53
CA SER C 75 -24.19 2.00 -22.87
C SER C 75 -24.84 0.63 -22.92
N LYS C 76 -25.76 0.34 -22.00
CA LYS C 76 -26.52 -0.88 -22.10
C LYS C 76 -27.97 -0.52 -22.29
N ASP C 77 -28.71 -1.39 -22.97
CA ASP C 77 -30.17 -1.42 -22.85
C ASP C 77 -30.63 -2.81 -22.46
N THR C 78 -30.77 -2.95 -21.15
CA THR C 78 -31.20 -4.16 -20.52
C THR C 78 -32.49 -4.77 -21.14
N SER C 79 -33.48 -3.92 -21.43
CA SER C 79 -34.71 -4.41 -22.05
C SER C 79 -34.49 -5.05 -23.43
N LYS C 80 -33.56 -4.52 -24.22
CA LYS C 80 -33.24 -5.09 -25.55
C LYS C 80 -32.03 -6.02 -25.46
N SER C 81 -31.49 -6.11 -24.24
CA SER C 81 -30.32 -6.94 -23.93
C SER C 81 -29.18 -6.76 -24.95
N GLN C 82 -28.82 -5.51 -25.17
CA GLN C 82 -27.72 -5.19 -26.05
C GLN C 82 -26.86 -4.13 -25.43
N VAL C 83 -25.56 -4.18 -25.76
CA VAL C 83 -24.62 -3.16 -25.36
C VAL C 83 -24.12 -2.40 -26.58
N VAL C 84 -24.13 -1.07 -26.50
CA VAL C 84 -23.74 -0.23 -27.61
C VAL C 84 -22.44 0.55 -27.35
N LEU C 85 -21.47 0.36 -28.24
CA LEU C 85 -20.25 1.13 -28.26
C LEU C 85 -20.41 2.21 -29.29
N THR C 86 -20.13 3.47 -28.95
CA THR C 86 -20.00 4.47 -30.04
C THR C 86 -18.70 5.21 -29.99
N MET C 87 -18.08 5.31 -31.16
CA MET C 87 -16.73 5.80 -31.26
C MET C 87 -16.74 6.96 -32.26
N THR C 88 -16.47 8.18 -31.80
CA THR C 88 -16.52 9.28 -32.75
C THR C 88 -15.13 9.50 -33.44
N ASN C 89 -15.13 10.32 -34.49
CA ASN C 89 -13.92 10.72 -35.20
C ASN C 89 -13.03 9.61 -35.67
N MET C 90 -13.57 8.70 -36.47
CA MET C 90 -12.86 7.50 -36.92
C MET C 90 -11.71 7.80 -37.92
N ASP C 91 -10.58 7.11 -37.78
CA ASP C 91 -9.44 7.30 -38.65
C ASP C 91 -9.19 5.96 -39.34
N PRO C 92 -8.48 5.98 -40.50
CA PRO C 92 -8.13 4.65 -41.04
C PRO C 92 -7.38 3.74 -40.03
N VAL C 93 -6.62 4.33 -39.14
CA VAL C 93 -5.84 3.58 -38.23
C VAL C 93 -6.80 2.77 -37.37
N ASP C 94 -8.08 3.12 -37.34
CA ASP C 94 -9.05 2.43 -36.48
C ASP C 94 -9.65 1.21 -37.17
N THR C 95 -9.30 1.02 -38.43
CA THR C 95 -9.75 -0.16 -39.16
C THR C 95 -9.30 -1.39 -38.40
N ALA C 96 -10.27 -2.24 -38.01
CA ALA C 96 -9.96 -3.40 -37.22
C ALA C 96 -11.17 -4.33 -37.07
N THR C 97 -10.94 -5.52 -36.51
CA THR C 97 -12.00 -6.42 -36.11
C THR C 97 -12.44 -6.06 -34.69
N TYR C 98 -13.68 -5.63 -34.54
CA TYR C 98 -14.19 -5.29 -33.23
C TYR C 98 -14.96 -6.47 -32.59
N TYR C 99 -14.65 -6.81 -31.34
CA TYR C 99 -15.30 -7.85 -30.56
C TYR C 99 -16.05 -7.32 -29.37
N CYS C 100 -17.19 -7.90 -29.04
CA CYS C 100 -17.70 -7.75 -27.68
C CYS C 100 -17.54 -9.11 -27.02
N ALA C 101 -17.22 -9.09 -25.73
CA ALA C 101 -16.93 -10.32 -24.98
C ALA C 101 -17.48 -10.24 -23.55
N ARG C 102 -17.75 -11.40 -22.96
CA ARG C 102 -18.30 -11.40 -21.61
C ARG C 102 -17.29 -11.66 -20.47
N THR C 103 -17.61 -11.02 -19.34
CA THR C 103 -17.07 -11.40 -18.06
C THR C 103 -18.15 -12.01 -17.18
N LEU C 104 -17.98 -13.29 -16.87
CA LEU C 104 -18.95 -14.04 -16.04
C LEU C 104 -18.57 -14.00 -14.57
N ARG C 105 -19.54 -13.64 -13.74
CA ARG C 105 -19.33 -13.68 -12.30
C ARG C 105 -20.15 -14.77 -11.71
N VAL C 106 -19.53 -15.91 -11.50
CA VAL C 106 -20.25 -16.92 -10.73
C VAL C 106 -19.65 -17.01 -9.32
N SER C 107 -20.56 -16.97 -8.34
CA SER C 107 -20.33 -16.66 -6.89
C SER C 107 -19.32 -17.64 -6.31
N GLY C 108 -18.25 -17.07 -5.72
CA GLY C 108 -17.19 -17.82 -5.02
C GLY C 108 -16.05 -18.37 -5.88
N ASP C 109 -16.21 -18.46 -7.17
CA ASP C 109 -15.12 -18.75 -8.08
C ASP C 109 -14.62 -17.40 -8.41
N TYR C 110 -13.41 -17.40 -8.96
CA TYR C 110 -12.84 -16.23 -9.64
C TYR C 110 -13.68 -15.89 -10.87
N VAL C 111 -13.31 -14.75 -11.44
CA VAL C 111 -14.10 -14.06 -12.41
C VAL C 111 -13.82 -14.62 -13.77
N ARG C 112 -14.93 -15.00 -14.42
CA ARG C 112 -14.98 -15.58 -15.79
C ARG C 112 -14.51 -14.45 -16.71
N ASP C 113 -13.20 -14.40 -16.87
CA ASP C 113 -12.64 -13.14 -17.26
C ASP C 113 -12.98 -12.75 -18.66
N PHE C 114 -12.44 -13.34 -19.71
CA PHE C 114 -13.12 -12.88 -20.92
C PHE C 114 -13.87 -14.07 -21.47
N ASP C 115 -15.03 -14.25 -20.88
CA ASP C 115 -15.70 -15.52 -20.92
C ASP C 115 -15.83 -16.16 -22.30
N LEU C 116 -16.49 -15.40 -23.14
CA LEU C 116 -17.26 -15.88 -24.25
C LEU C 116 -17.29 -14.69 -25.25
N TRP C 117 -16.68 -14.90 -26.42
CA TRP C 117 -16.47 -13.84 -27.41
C TRP C 117 -17.48 -13.93 -28.52
N GLY C 118 -17.99 -12.81 -28.99
CA GLY C 118 -18.73 -12.84 -30.23
C GLY C 118 -17.78 -13.19 -31.37
N ARG C 119 -18.29 -13.30 -32.58
CA ARG C 119 -17.41 -13.68 -33.68
C ARG C 119 -16.61 -12.46 -34.09
N GLY C 120 -17.14 -11.27 -33.85
CA GLY C 120 -16.37 -10.04 -34.16
C GLY C 120 -16.71 -9.49 -35.51
N THR C 121 -16.74 -8.15 -35.69
CA THR C 121 -17.00 -7.55 -37.01
C THR C 121 -15.83 -6.76 -37.51
N LEU C 122 -15.52 -6.94 -38.79
CA LEU C 122 -14.55 -6.06 -39.40
C LEU C 122 -15.23 -4.70 -39.59
N VAL C 123 -14.43 -3.65 -39.43
CA VAL C 123 -14.87 -2.29 -39.63
C VAL C 123 -13.69 -1.65 -40.28
N THR C 124 -13.91 -1.18 -41.50
CA THR C 124 -12.90 -0.56 -42.30
C THR C 124 -13.26 0.93 -42.42
N VAL C 125 -12.26 1.76 -42.16
CA VAL C 125 -12.42 3.19 -42.27
C VAL C 125 -11.72 3.61 -43.57
N SER C 126 -12.47 4.19 -44.51
CA SER C 126 -11.92 4.52 -45.80
C SER C 126 -12.86 5.51 -46.49
N SER C 127 -12.33 6.28 -47.43
CA SER C 127 -13.15 7.23 -48.16
C SER C 127 -13.70 6.54 -49.37
N ALA C 128 -13.16 5.34 -49.64
CA ALA C 128 -13.56 4.54 -50.81
C ALA C 128 -15.01 4.15 -50.70
N SER C 129 -15.65 4.15 -51.85
CA SER C 129 -17.06 3.87 -51.96
C SER C 129 -17.26 2.37 -51.98
N THR C 130 -18.38 1.92 -51.45
CA THR C 130 -18.61 0.50 -51.42
C THR C 130 -18.93 -0.05 -52.82
N LYS C 131 -18.44 -1.26 -53.11
CA LYS C 131 -18.74 -1.91 -54.39
C LYS C 131 -19.03 -3.42 -54.31
N GLY C 132 -20.20 -3.82 -54.81
CA GLY C 132 -20.61 -5.21 -54.70
C GLY C 132 -19.84 -6.03 -55.71
N PRO C 133 -19.64 -7.32 -55.43
CA PRO C 133 -18.85 -8.20 -56.30
C PRO C 133 -19.66 -8.72 -57.46
N SER C 134 -18.94 -9.25 -58.42
CA SER C 134 -19.52 -10.00 -59.51
C SER C 134 -19.14 -11.44 -59.21
N VAL C 135 -20.08 -12.37 -59.39
CA VAL C 135 -19.87 -13.76 -59.01
C VAL C 135 -19.90 -14.69 -60.19
N PHE C 136 -18.81 -15.41 -60.44
CA PHE C 136 -18.76 -16.34 -61.58
C PHE C 136 -18.51 -17.82 -61.21
N PRO C 137 -19.24 -18.75 -61.86
CA PRO C 137 -19.00 -20.16 -61.52
C PRO C 137 -17.76 -20.75 -62.22
N LEU C 138 -16.93 -21.44 -61.44
CA LEU C 138 -15.76 -22.12 -61.95
C LEU C 138 -16.10 -23.60 -62.02
N ALA C 139 -16.23 -24.12 -63.24
CA ALA C 139 -16.81 -25.44 -63.47
C ALA C 139 -15.81 -26.59 -63.48
N PRO C 140 -16.33 -27.82 -63.47
CA PRO C 140 -15.57 -29.06 -63.52
C PRO C 140 -15.59 -29.76 -64.89
N THR C 149 -12.53 -38.42 -56.70
CA THR C 149 -13.15 -37.15 -56.33
C THR C 149 -13.11 -36.15 -57.50
N ALA C 150 -13.74 -34.99 -57.30
CA ALA C 150 -13.82 -33.92 -58.30
C ALA C 150 -13.88 -32.53 -57.64
N ALA C 151 -13.57 -31.48 -58.41
CA ALA C 151 -13.49 -30.12 -57.85
C ALA C 151 -14.21 -29.03 -58.68
N LEU C 152 -14.95 -28.15 -57.99
CA LEU C 152 -15.60 -26.99 -58.62
C LEU C 152 -15.76 -25.86 -57.63
N GLY C 153 -16.02 -24.65 -58.11
CA GLY C 153 -16.12 -23.48 -57.24
C GLY C 153 -16.70 -22.21 -57.82
N CYS C 154 -16.64 -21.14 -57.03
CA CYS C 154 -17.14 -19.82 -57.39
C CYS C 154 -15.98 -18.86 -57.32
N LEU C 155 -16.00 -17.87 -58.21
CA LEU C 155 -15.05 -16.80 -58.19
C LEU C 155 -15.84 -15.58 -57.81
N VAL C 156 -15.35 -14.86 -56.79
CA VAL C 156 -15.99 -13.63 -56.31
C VAL C 156 -15.14 -12.43 -56.62
N LYS C 157 -15.51 -11.69 -57.66
CA LYS C 157 -14.60 -10.68 -58.18
C LYS C 157 -14.96 -9.23 -57.88
N ASP C 158 -13.92 -8.44 -57.61
CA ASP C 158 -13.97 -6.97 -57.49
C ASP C 158 -15.03 -6.40 -56.56
N TYR C 159 -14.81 -6.48 -55.26
CA TYR C 159 -15.74 -5.91 -54.28
C TYR C 159 -14.95 -5.15 -53.21
N PHE C 160 -15.61 -4.18 -52.57
CA PHE C 160 -15.01 -3.44 -51.46
C PHE C 160 -16.08 -3.03 -50.44
N PRO C 161 -15.76 -3.22 -49.16
CA PRO C 161 -14.54 -3.78 -48.64
C PRO C 161 -14.81 -5.17 -48.13
N GLU C 162 -13.87 -5.71 -47.37
CA GLU C 162 -14.13 -7.01 -46.82
C GLU C 162 -15.32 -6.98 -45.84
N PRO C 163 -15.77 -8.15 -45.39
CA PRO C 163 -15.44 -9.45 -45.91
C PRO C 163 -16.61 -9.95 -46.76
N VAL C 164 -16.55 -11.18 -47.22
CA VAL C 164 -17.66 -11.69 -47.99
C VAL C 164 -17.87 -13.07 -47.47
N THR C 165 -19.08 -13.59 -47.70
CA THR C 165 -19.51 -14.85 -47.18
C THR C 165 -19.83 -15.78 -48.32
N VAL C 166 -19.37 -17.01 -48.23
CA VAL C 166 -19.78 -18.03 -49.19
C VAL C 166 -20.52 -19.13 -48.46
N SER C 167 -21.56 -19.67 -49.10
CA SER C 167 -22.14 -20.95 -48.70
C SER C 167 -22.40 -21.78 -49.95
N TRP C 168 -22.62 -23.09 -49.77
CA TRP C 168 -22.96 -24.00 -50.86
C TRP C 168 -24.31 -24.67 -50.61
N ASN C 169 -25.13 -24.78 -51.64
CA ASN C 169 -26.49 -25.28 -51.46
C ASN C 169 -27.07 -24.74 -50.16
N SER C 170 -26.86 -23.45 -49.92
CA SER C 170 -27.42 -22.78 -48.76
C SER C 170 -27.00 -23.44 -47.46
N GLY C 171 -25.74 -23.81 -47.34
CA GLY C 171 -25.22 -24.37 -46.09
C GLY C 171 -25.31 -25.89 -45.99
N ALA C 172 -26.17 -26.49 -46.81
CA ALA C 172 -26.31 -27.96 -46.82
C ALA C 172 -24.97 -28.64 -47.10
N LEU C 173 -24.26 -28.13 -48.10
CA LEU C 173 -22.96 -28.67 -48.50
C LEU C 173 -21.80 -28.00 -47.77
N THR C 174 -21.16 -28.72 -46.86
CA THR C 174 -20.06 -28.17 -46.07
C THR C 174 -18.82 -29.06 -46.03
N SER C 175 -18.92 -30.26 -46.60
CA SER C 175 -17.82 -31.21 -46.55
C SER C 175 -16.95 -31.15 -47.81
N GLY C 176 -15.68 -30.81 -47.61
CA GLY C 176 -14.73 -30.72 -48.72
C GLY C 176 -14.56 -29.28 -49.19
N VAL C 177 -15.11 -28.34 -48.43
CA VAL C 177 -15.17 -26.95 -48.88
C VAL C 177 -13.96 -26.13 -48.45
N HIS C 178 -13.43 -25.35 -49.37
CA HIS C 178 -12.33 -24.44 -49.05
C HIS C 178 -12.49 -23.04 -49.65
N THR C 179 -12.75 -22.06 -48.79
CA THR C 179 -12.85 -20.67 -49.22
C THR C 179 -11.53 -19.95 -48.94
N PHE C 180 -10.87 -19.46 -49.99
CA PHE C 180 -9.53 -18.89 -49.87
C PHE C 180 -9.52 -17.44 -49.48
N PRO C 181 -8.58 -17.08 -48.60
CA PRO C 181 -8.34 -15.69 -48.20
C PRO C 181 -8.27 -14.81 -49.45
N ALA C 182 -9.04 -13.73 -49.47
CA ALA C 182 -9.11 -12.82 -50.62
C ALA C 182 -7.77 -12.21 -51.00
N VAL C 183 -7.70 -11.73 -52.23
CA VAL C 183 -6.52 -11.07 -52.70
C VAL C 183 -6.81 -9.58 -52.86
N LEU C 184 -5.78 -8.77 -52.64
CA LEU C 184 -5.90 -7.32 -52.81
C LEU C 184 -5.32 -6.85 -54.14
N GLN C 185 -6.20 -6.54 -55.08
CA GLN C 185 -5.78 -6.04 -56.37
C GLN C 185 -5.19 -4.62 -56.24
N SER C 186 -4.14 -4.33 -56.99
CA SER C 186 -3.54 -3.00 -56.91
C SER C 186 -4.60 -1.95 -57.24
N SER C 187 -5.73 -2.44 -57.75
CA SER C 187 -6.88 -1.62 -58.10
C SER C 187 -7.59 -1.09 -56.85
N GLY C 188 -7.21 -1.60 -55.68
CA GLY C 188 -7.95 -1.30 -54.44
C GLY C 188 -9.02 -2.36 -54.12
N LEU C 189 -9.53 -3.03 -55.17
CA LEU C 189 -10.63 -3.99 -55.02
C LEU C 189 -10.19 -5.41 -54.64
N TYR C 190 -11.08 -6.14 -53.95
CA TYR C 190 -10.82 -7.52 -53.49
C TYR C 190 -11.45 -8.57 -54.37
N SER C 191 -10.85 -9.76 -54.41
CA SER C 191 -11.45 -10.93 -55.06
C SER C 191 -11.07 -12.18 -54.27
N LEU C 192 -11.92 -13.20 -54.28
CA LEU C 192 -11.57 -14.48 -53.66
C LEU C 192 -12.15 -15.67 -54.40
N SER C 193 -11.75 -16.85 -53.98
CA SER C 193 -12.36 -18.09 -54.50
C SER C 193 -12.70 -19.14 -53.43
N SER C 194 -13.86 -19.78 -53.60
CA SER C 194 -14.27 -20.89 -52.74
C SER C 194 -14.42 -22.12 -53.61
N VAL C 195 -14.00 -23.27 -53.08
CA VAL C 195 -14.00 -24.50 -53.86
C VAL C 195 -14.58 -25.63 -53.04
N VAL C 196 -14.96 -26.71 -53.71
CA VAL C 196 -15.35 -27.91 -53.00
C VAL C 196 -14.81 -29.16 -53.67
N THR C 197 -14.33 -30.09 -52.87
CA THR C 197 -13.96 -31.41 -53.37
C THR C 197 -15.18 -32.33 -53.20
N VAL C 198 -15.51 -33.08 -54.23
CA VAL C 198 -16.72 -33.91 -54.18
C VAL C 198 -16.52 -35.25 -54.87
N PRO C 199 -17.39 -36.21 -54.56
CA PRO C 199 -17.45 -37.54 -55.21
C PRO C 199 -17.46 -37.42 -56.73
N SER C 200 -16.46 -38.00 -57.38
CA SER C 200 -16.21 -37.79 -58.79
C SER C 200 -17.34 -38.21 -59.70
N SER C 201 -18.30 -38.95 -59.16
CA SER C 201 -19.45 -39.38 -59.97
C SER C 201 -20.77 -39.01 -59.30
N SER C 202 -20.84 -37.77 -58.83
CA SER C 202 -22.10 -37.18 -58.39
C SER C 202 -22.32 -35.86 -59.11
N LEU C 203 -21.40 -35.55 -60.02
CA LEU C 203 -21.53 -34.44 -60.97
C LEU C 203 -22.71 -34.70 -61.90
N GLY C 204 -23.68 -33.78 -61.91
CA GLY C 204 -24.87 -33.99 -62.73
C GLY C 204 -25.77 -35.06 -62.12
N THR C 205 -25.52 -35.36 -60.84
CA THR C 205 -26.37 -36.20 -60.02
C THR C 205 -26.73 -35.38 -58.79
N GLN C 206 -26.11 -34.21 -58.71
CA GLN C 206 -26.26 -33.31 -57.58
C GLN C 206 -26.10 -31.88 -58.09
N THR C 207 -27.00 -30.98 -57.69
CA THR C 207 -26.90 -29.60 -58.13
C THR C 207 -26.07 -28.80 -57.15
N TYR C 208 -25.17 -28.00 -57.69
CA TYR C 208 -24.31 -27.19 -56.85
C TYR C 208 -24.54 -25.70 -57.06
N ILE C 209 -25.05 -25.06 -56.01
CA ILE C 209 -25.30 -23.62 -56.02
C ILE C 209 -24.57 -22.96 -54.86
N CYS C 210 -23.67 -22.03 -55.15
CA CYS C 210 -23.04 -21.30 -54.07
C CYS C 210 -23.79 -20.00 -53.84
N ASN C 211 -23.81 -19.55 -52.57
CA ASN C 211 -24.53 -18.36 -52.19
C ASN C 211 -23.55 -17.30 -51.76
N VAL C 212 -23.66 -16.13 -52.37
CA VAL C 212 -22.76 -15.05 -52.03
C VAL C 212 -23.47 -13.87 -51.40
N ASN C 213 -22.96 -13.48 -50.25
CA ASN C 213 -23.42 -12.32 -49.50
C ASN C 213 -22.26 -11.35 -49.29
N HIS C 214 -22.49 -10.09 -49.61
CA HIS C 214 -21.53 -9.04 -49.33
C HIS C 214 -22.36 -7.97 -48.67
N LYS C 215 -22.29 -7.95 -47.34
CA LYS C 215 -23.22 -7.13 -46.57
C LYS C 215 -23.04 -5.65 -46.83
N PRO C 216 -21.78 -5.24 -47.05
CA PRO C 216 -21.50 -3.83 -47.23
C PRO C 216 -22.26 -3.17 -48.39
N SER C 217 -22.72 -3.96 -49.38
CA SER C 217 -23.40 -3.42 -50.56
C SER C 217 -24.80 -3.99 -50.77
N ASN C 218 -25.41 -4.57 -49.73
CA ASN C 218 -26.65 -5.35 -49.86
C ASN C 218 -26.64 -6.16 -51.11
N THR C 219 -25.60 -6.96 -51.32
CA THR C 219 -25.58 -7.84 -52.49
C THR C 219 -25.72 -9.30 -52.10
N LYS C 220 -26.79 -9.92 -52.58
CA LYS C 220 -26.98 -11.34 -52.42
C LYS C 220 -27.07 -11.89 -53.81
N VAL C 221 -26.12 -12.74 -54.18
CA VAL C 221 -26.19 -13.42 -55.47
C VAL C 221 -26.04 -14.94 -55.30
N ASP C 222 -26.92 -15.69 -55.98
CA ASP C 222 -26.89 -17.15 -55.93
C ASP C 222 -26.51 -17.65 -57.29
N LYS C 223 -25.64 -18.65 -57.35
CA LYS C 223 -25.10 -19.04 -58.65
C LYS C 223 -24.81 -20.54 -58.70
N ARG C 224 -25.43 -21.23 -59.67
CA ARG C 224 -25.26 -22.68 -59.83
C ARG C 224 -24.11 -23.02 -60.78
N VAL C 225 -23.23 -23.93 -60.36
CA VAL C 225 -22.05 -24.23 -61.17
C VAL C 225 -22.34 -25.14 -62.38
N PRO D 2 1.17 2.25 -19.51
CA PRO D 2 0.68 0.97 -18.89
C PRO D 2 0.55 -0.28 -19.87
N VAL D 3 1.56 -1.15 -19.95
CA VAL D 3 1.55 -2.24 -20.95
C VAL D 3 1.93 -3.57 -20.35
N LEU D 4 1.57 -4.67 -20.99
CA LEU D 4 2.09 -5.94 -20.51
C LEU D 4 3.02 -6.55 -21.54
N THR D 5 4.28 -6.77 -21.17
CA THR D 5 5.30 -7.26 -22.11
C THR D 5 5.38 -8.77 -22.29
N GLN D 6 5.20 -9.24 -23.51
CA GLN D 6 5.47 -10.65 -23.79
C GLN D 6 6.59 -10.77 -24.82
N PRO D 7 7.15 -11.97 -24.96
CA PRO D 7 8.10 -12.15 -26.03
C PRO D 7 7.36 -12.17 -27.36
N PRO D 8 7.95 -11.58 -28.41
CA PRO D 8 7.27 -11.51 -29.71
C PRO D 8 6.85 -12.89 -30.17
N SER D 9 7.67 -13.91 -29.89
CA SER D 9 7.38 -15.30 -30.27
C SER D 9 8.20 -16.30 -29.46
N ALA D 10 7.74 -17.54 -29.41
CA ALA D 10 8.50 -18.64 -28.81
C ALA D 10 8.14 -19.96 -29.51
N SER D 11 9.05 -20.93 -29.45
CA SER D 11 8.85 -22.20 -30.15
C SER D 11 9.23 -23.43 -29.33
N GLY D 12 8.84 -24.61 -29.81
CA GLY D 12 9.18 -25.87 -29.16
C GLY D 12 8.95 -27.08 -30.05
N THR D 13 9.42 -28.23 -29.60
CA THR D 13 9.18 -29.48 -30.29
C THR D 13 8.14 -30.30 -29.55
N PRO D 14 7.28 -31.00 -30.32
CA PRO D 14 6.23 -31.88 -29.80
C PRO D 14 6.73 -32.65 -28.59
N GLY D 15 5.99 -32.55 -27.48
CA GLY D 15 6.33 -33.26 -26.25
C GLY D 15 6.82 -32.37 -25.13
N GLN D 16 7.51 -31.29 -25.49
CA GLN D 16 8.15 -30.42 -24.50
C GLN D 16 7.17 -29.49 -23.75
N ARG D 17 7.62 -28.89 -22.64
CA ARG D 17 6.94 -27.75 -22.04
C ARG D 17 7.51 -26.45 -22.57
N VAL D 18 6.60 -25.53 -22.84
CA VAL D 18 6.99 -24.18 -23.14
C VAL D 18 6.35 -23.27 -22.12
N THR D 19 7.06 -22.19 -21.82
CA THR D 19 6.56 -21.20 -20.91
C THR D 19 6.66 -19.79 -21.53
N ILE D 20 5.52 -19.18 -21.80
CA ILE D 20 5.51 -17.82 -22.27
C ILE D 20 5.37 -16.91 -21.07
N SER D 21 6.28 -15.92 -20.98
CA SER D 21 6.33 -15.02 -19.83
C SER D 21 5.70 -13.65 -20.10
N CYS D 22 5.10 -13.09 -19.05
CA CYS D 22 4.30 -11.86 -19.17
C CYS D 22 4.68 -10.90 -18.05
N SER D 23 5.14 -9.69 -18.38
CA SER D 23 5.63 -8.79 -17.33
C SER D 23 4.94 -7.42 -17.29
N GLY D 24 4.36 -7.12 -16.13
CA GLY D 24 3.63 -5.87 -15.91
C GLY D 24 4.21 -4.95 -14.85
N SER D 25 3.35 -4.50 -13.96
CA SER D 25 3.74 -3.50 -12.99
C SER D 25 2.85 -3.65 -11.76
N SER D 26 3.19 -2.94 -10.69
CA SER D 26 2.47 -3.17 -9.44
C SER D 26 0.96 -2.92 -9.51
N SER D 27 0.49 -1.94 -10.28
CA SER D 27 -0.97 -1.76 -10.31
C SER D 27 -1.73 -2.81 -11.14
N ASN D 28 -1.03 -3.66 -11.87
CA ASN D 28 -1.81 -4.69 -12.56
C ASN D 28 -1.44 -6.09 -12.10
N ILE D 29 -0.43 -6.69 -12.70
CA ILE D 29 -0.12 -8.04 -12.28
C ILE D 29 0.26 -8.03 -10.80
N GLY D 30 0.92 -6.95 -10.38
CA GLY D 30 1.32 -6.78 -8.99
C GLY D 30 0.13 -6.64 -8.04
N SER D 31 -1.10 -6.74 -8.53
CA SER D 31 -2.22 -6.52 -7.64
C SER D 31 -3.36 -7.43 -7.96
N ASN D 32 -3.37 -7.99 -9.16
CA ASN D 32 -4.59 -8.65 -9.61
C ASN D 32 -4.30 -10.01 -10.22
N THR D 33 -5.33 -10.85 -10.37
CA THR D 33 -5.13 -12.12 -11.05
C THR D 33 -4.97 -11.98 -12.58
N VAL D 34 -4.29 -12.95 -13.19
CA VAL D 34 -3.95 -12.83 -14.60
C VAL D 34 -4.75 -13.85 -15.39
N SER D 35 -5.19 -13.47 -16.57
CA SER D 35 -5.90 -14.42 -17.41
C SER D 35 -5.11 -14.67 -18.69
N TRP D 36 -5.13 -15.91 -19.17
CA TRP D 36 -4.47 -16.21 -20.46
C TRP D 36 -5.45 -16.55 -21.57
N TYR D 37 -5.22 -15.95 -22.74
CA TYR D 37 -6.07 -16.23 -23.90
C TYR D 37 -5.29 -16.89 -25.04
N GLN D 38 -5.84 -17.98 -25.59
CA GLN D 38 -5.26 -18.56 -26.80
C GLN D 38 -5.99 -18.09 -28.07
N GLN D 39 -5.25 -17.68 -29.11
CA GLN D 39 -5.91 -17.25 -30.34
C GLN D 39 -5.47 -18.02 -31.59
N VAL D 40 -6.44 -18.54 -32.36
CA VAL D 40 -6.17 -18.99 -33.72
C VAL D 40 -6.18 -17.78 -34.67
N PRO D 41 -5.22 -17.72 -35.59
CA PRO D 41 -5.07 -16.46 -36.39
C PRO D 41 -6.44 -15.98 -36.92
N GLY D 42 -6.83 -14.76 -36.56
CA GLY D 42 -8.04 -14.15 -37.14
C GLY D 42 -9.37 -14.87 -36.93
N THR D 43 -9.53 -15.50 -35.77
CA THR D 43 -10.83 -16.00 -35.34
C THR D 43 -10.96 -15.50 -33.89
N ALA D 44 -12.06 -15.78 -33.20
CA ALA D 44 -12.19 -15.22 -31.84
C ALA D 44 -11.31 -16.00 -30.87
N PRO D 45 -10.67 -15.29 -29.94
CA PRO D 45 -9.82 -15.88 -28.93
C PRO D 45 -10.59 -16.76 -27.93
N LYS D 46 -9.90 -17.72 -27.33
CA LYS D 46 -10.50 -18.60 -26.33
C LYS D 46 -9.85 -18.35 -25.00
N LEU D 47 -10.65 -18.40 -23.95
CA LEU D 47 -10.16 -18.29 -22.58
C LEU D 47 -9.41 -19.58 -22.19
N LEU D 48 -8.17 -19.46 -21.74
CA LEU D 48 -7.39 -20.63 -21.35
C LEU D 48 -7.27 -20.70 -19.85
N ILE D 49 -6.90 -19.59 -19.26
CA ILE D 49 -6.71 -19.56 -17.83
C ILE D 49 -7.40 -18.36 -17.23
N TYR D 50 -7.93 -18.55 -16.01
CA TYR D 50 -8.47 -17.44 -15.24
C TYR D 50 -8.22 -17.64 -13.77
N GLY D 51 -8.24 -16.54 -13.02
CA GLY D 51 -7.94 -16.65 -11.60
C GLY D 51 -6.54 -17.19 -11.49
N ASN D 52 -5.65 -16.83 -12.40
CA ASN D 52 -4.36 -17.38 -12.21
C ASN D 52 -4.54 -18.87 -12.22
N ASN D 53 -4.96 -19.47 -13.31
CA ASN D 53 -4.90 -20.94 -13.44
C ASN D 53 -6.14 -21.81 -13.18
N GLU D 54 -7.28 -21.27 -12.79
CA GLU D 54 -8.41 -22.13 -12.87
C GLU D 54 -8.60 -22.32 -14.38
N ARG D 55 -8.57 -23.55 -14.90
CA ARG D 55 -8.89 -23.77 -16.32
C ARG D 55 -10.38 -23.76 -16.52
N PRO D 56 -10.87 -23.02 -17.51
CA PRO D 56 -12.32 -23.04 -17.65
C PRO D 56 -12.75 -24.39 -18.19
N SER D 57 -13.96 -24.82 -17.85
CA SER D 57 -14.40 -26.17 -18.22
C SER D 57 -14.06 -26.57 -19.68
N GLY D 58 -13.21 -27.58 -19.83
CA GLY D 58 -12.89 -28.15 -21.16
C GLY D 58 -11.58 -27.61 -21.86
N VAL D 59 -10.66 -27.12 -20.88
CA VAL D 59 -9.23 -26.85 -21.15
C VAL D 59 -8.38 -27.96 -20.51
N PRO D 60 -7.57 -28.64 -21.32
CA PRO D 60 -6.75 -29.72 -20.78
C PRO D 60 -5.86 -29.21 -19.65
N ASP D 61 -5.54 -30.11 -18.73
CA ASP D 61 -4.76 -29.76 -17.57
C ASP D 61 -3.27 -29.64 -17.89
N ARG D 62 -2.92 -29.79 -19.17
CA ARG D 62 -1.53 -29.51 -19.56
C ARG D 62 -1.28 -28.01 -19.57
N PHE D 63 -2.37 -27.24 -19.62
CA PHE D 63 -2.26 -25.77 -19.52
C PHE D 63 -2.29 -25.34 -18.04
N SER D 64 -1.26 -24.60 -17.62
CA SER D 64 -1.17 -24.11 -16.25
C SER D 64 -0.46 -22.76 -16.26
N GLY D 65 -0.72 -21.94 -15.24
CA GLY D 65 -0.14 -20.61 -15.14
C GLY D 65 0.34 -20.30 -13.74
N SER D 66 1.18 -19.29 -13.62
CA SER D 66 1.66 -18.81 -12.33
C SER D 66 1.70 -17.30 -12.36
N LYS D 67 1.63 -16.70 -11.18
CA LYS D 67 1.84 -15.27 -10.95
C LYS D 67 2.80 -15.20 -9.77
N SER D 68 3.92 -14.48 -9.92
CA SER D 68 4.72 -14.10 -8.73
C SER D 68 5.36 -12.73 -8.95
N ALA D 69 5.32 -11.88 -7.91
CA ALA D 69 5.75 -10.49 -8.00
C ALA D 69 4.91 -9.83 -9.05
N THR D 70 5.56 -9.11 -9.97
CA THR D 70 4.86 -8.40 -11.05
C THR D 70 4.99 -9.08 -12.40
N SER D 71 5.40 -10.34 -12.42
CA SER D 71 5.32 -11.11 -13.66
C SER D 71 4.54 -12.40 -13.52
N ALA D 72 4.04 -12.90 -14.65
CA ALA D 72 3.29 -14.13 -14.72
C ALA D 72 3.89 -14.97 -15.82
N SER D 73 3.37 -16.19 -15.99
CA SER D 73 3.99 -17.15 -16.89
C SER D 73 3.00 -18.25 -17.29
N LEU D 74 2.86 -18.50 -18.59
CA LEU D 74 1.98 -19.57 -19.08
C LEU D 74 2.81 -20.81 -19.28
N ALA D 75 2.26 -21.99 -18.94
CA ALA D 75 3.00 -23.26 -19.05
C ALA D 75 2.22 -24.31 -19.84
N ILE D 76 2.66 -24.60 -21.06
CA ILE D 76 1.99 -25.62 -21.85
C ILE D 76 2.79 -26.92 -21.95
N SER D 77 2.34 -27.94 -21.21
CA SER D 77 3.06 -29.20 -21.18
C SER D 77 2.59 -30.18 -22.23
N GLY D 78 3.48 -31.11 -22.58
CA GLY D 78 3.22 -32.10 -23.62
C GLY D 78 2.75 -31.43 -24.89
N LEU D 79 3.63 -30.63 -25.48
CA LEU D 79 3.30 -29.80 -26.63
C LEU D 79 2.71 -30.61 -27.78
N GLN D 80 1.52 -30.21 -28.23
CA GLN D 80 0.83 -30.90 -29.32
C GLN D 80 0.54 -29.99 -30.50
N SER D 81 -0.05 -30.53 -31.56
CA SER D 81 -0.13 -29.80 -32.84
C SER D 81 -1.11 -28.64 -32.79
N GLU D 82 -2.31 -28.90 -32.26
CA GLU D 82 -3.37 -27.90 -32.20
C GLU D 82 -2.96 -26.69 -31.36
N ASP D 83 -1.86 -26.85 -30.64
CA ASP D 83 -1.32 -25.82 -29.75
C ASP D 83 -0.70 -24.61 -30.41
N GLU D 84 -0.39 -24.74 -31.69
CA GLU D 84 0.27 -23.68 -32.41
C GLU D 84 -0.73 -22.56 -32.57
N ALA D 85 -0.49 -21.43 -31.91
CA ALA D 85 -1.38 -20.27 -32.05
C ALA D 85 -0.73 -19.02 -31.47
N ASP D 86 -1.51 -17.96 -31.28
CA ASP D 86 -1.00 -16.81 -30.54
C ASP D 86 -1.56 -16.82 -29.14
N TYR D 87 -0.72 -16.44 -28.19
CA TYR D 87 -1.15 -16.42 -26.81
C TYR D 87 -1.04 -15.03 -26.20
N TYR D 88 -2.12 -14.57 -25.57
CA TYR D 88 -2.17 -13.29 -24.86
C TYR D 88 -2.35 -13.43 -23.34
N CYS D 89 -1.63 -12.62 -22.57
CA CYS D 89 -1.93 -12.47 -21.13
C CYS D 89 -2.72 -11.20 -20.83
N ALA D 90 -3.47 -11.20 -19.74
CA ALA D 90 -4.26 -10.01 -19.42
C ALA D 90 -4.44 -9.79 -17.92
N ALA D 91 -4.63 -8.53 -17.53
CA ALA D 91 -4.86 -8.21 -16.15
C ALA D 91 -5.66 -6.91 -16.06
N TRP D 92 -6.40 -6.81 -14.98
CA TRP D 92 -6.98 -5.55 -14.58
C TRP D 92 -5.90 -4.71 -13.91
N ASP D 93 -6.03 -3.41 -14.03
CA ASP D 93 -5.02 -2.48 -13.55
C ASP D 93 -5.75 -1.44 -12.67
N ASP D 94 -5.21 -1.12 -11.50
CA ASP D 94 -5.95 -0.25 -10.61
C ASP D 94 -5.59 1.24 -10.80
N SER D 95 -4.58 1.56 -11.61
CA SER D 95 -4.29 2.97 -11.95
C SER D 95 -5.48 3.71 -12.54
N LEU D 96 -5.44 5.04 -12.42
CA LEU D 96 -6.41 5.90 -13.09
C LEU D 96 -7.81 5.48 -12.65
N ASN D 97 -8.75 5.31 -13.57
CA ASN D 97 -10.04 4.91 -13.08
C ASN D 97 -10.14 3.45 -13.21
N GLY D 98 -8.99 2.82 -13.43
CA GLY D 98 -8.96 1.36 -13.69
C GLY D 98 -9.29 0.93 -15.10
N PHE D 99 -8.58 -0.03 -15.66
CA PHE D 99 -8.85 -0.52 -17.00
C PHE D 99 -8.34 -1.94 -17.12
N TRP D 100 -8.67 -2.60 -18.23
CA TRP D 100 -8.11 -3.94 -18.51
C TRP D 100 -6.90 -3.76 -19.43
N VAL D 101 -5.93 -4.67 -19.33
CA VAL D 101 -4.80 -4.61 -20.25
C VAL D 101 -4.46 -5.99 -20.78
N PHE D 102 -4.33 -6.08 -22.11
CA PHE D 102 -3.77 -7.24 -22.76
C PHE D 102 -2.26 -7.07 -23.05
N GLY D 103 -1.56 -8.19 -23.00
CA GLY D 103 -0.17 -8.22 -23.46
C GLY D 103 -0.03 -8.16 -24.99
N GLY D 104 1.19 -8.01 -25.48
CA GLY D 104 1.41 -7.86 -26.90
C GLY D 104 1.04 -9.13 -27.68
N GLY D 105 1.04 -10.27 -26.96
CA GLY D 105 0.80 -11.58 -27.54
C GLY D 105 2.14 -12.16 -27.94
N THR D 106 2.23 -13.50 -27.90
CA THR D 106 3.41 -14.18 -28.44
C THR D 106 3.00 -15.24 -29.45
N LYS D 107 3.81 -15.36 -30.49
CA LYS D 107 3.54 -16.31 -31.56
C LYS D 107 4.18 -17.64 -31.22
N LEU D 108 3.36 -18.69 -31.22
CA LEU D 108 3.85 -20.02 -30.88
C LEU D 108 3.77 -21.01 -32.04
N THR D 109 4.92 -21.59 -32.38
CA THR D 109 4.97 -22.58 -33.45
C THR D 109 5.46 -23.95 -32.96
N VAL D 110 4.73 -25.00 -33.32
CA VAL D 110 5.23 -26.35 -33.08
C VAL D 110 6.12 -26.77 -34.24
N LEU D 111 7.34 -27.21 -33.93
CA LEU D 111 8.33 -27.52 -34.95
C LEU D 111 8.37 -29.02 -35.29
N GLY D 112 9.21 -29.38 -36.25
CA GLY D 112 9.36 -30.79 -36.62
C GLY D 112 8.13 -31.40 -37.25
N GLN D 113 7.24 -30.55 -37.76
CA GLN D 113 6.05 -31.04 -38.48
C GLN D 113 6.46 -31.49 -39.88
N PRO D 114 5.85 -32.59 -40.38
CA PRO D 114 6.27 -33.13 -41.67
C PRO D 114 5.94 -32.20 -42.83
N LYS D 115 6.82 -32.19 -43.84
CA LYS D 115 6.62 -31.35 -45.00
C LYS D 115 5.44 -31.86 -45.84
N ALA D 116 4.96 -31.06 -46.79
CA ALA D 116 3.82 -31.46 -47.62
C ALA D 116 3.80 -30.81 -49.00
N ALA D 117 3.38 -31.58 -50.00
CA ALA D 117 3.15 -31.07 -51.35
C ALA D 117 1.93 -30.14 -51.38
N PRO D 118 2.04 -29.03 -52.13
CA PRO D 118 0.88 -28.17 -52.35
C PRO D 118 -0.07 -28.77 -53.40
N SER D 119 -1.35 -28.91 -53.05
CA SER D 119 -2.35 -29.33 -54.04
C SER D 119 -2.64 -28.11 -54.88
N VAL D 120 -2.64 -28.28 -56.19
CA VAL D 120 -2.87 -27.14 -57.07
C VAL D 120 -4.04 -27.39 -58.01
N THR D 121 -4.99 -26.46 -57.98
CA THR D 121 -6.13 -26.47 -58.89
C THR D 121 -6.09 -25.23 -59.78
N LEU D 122 -6.43 -25.37 -61.06
CA LEU D 122 -6.40 -24.22 -61.94
C LEU D 122 -7.64 -24.15 -62.83
N PHE D 123 -8.54 -23.22 -62.55
CA PHE D 123 -9.74 -23.03 -63.37
C PHE D 123 -9.52 -22.03 -64.52
N PRO D 124 -10.25 -22.22 -65.63
CA PRO D 124 -10.37 -21.26 -66.71
C PRO D 124 -11.68 -20.46 -66.57
N PRO D 125 -11.83 -19.36 -67.34
CA PRO D 125 -13.06 -18.56 -67.27
C PRO D 125 -14.34 -19.36 -67.55
N SER D 126 -15.50 -18.80 -67.21
CA SER D 126 -16.77 -19.39 -67.63
C SER D 126 -17.42 -18.47 -68.64
N SER D 127 -18.12 -19.04 -69.63
CA SER D 127 -18.79 -18.27 -70.69
C SER D 127 -19.25 -16.88 -70.23
N GLU D 128 -19.99 -16.87 -69.13
CA GLU D 128 -20.48 -15.64 -68.53
C GLU D 128 -19.38 -14.59 -68.46
N GLU D 129 -18.30 -14.91 -67.75
CA GLU D 129 -17.19 -13.96 -67.57
C GLU D 129 -16.69 -13.47 -68.92
N LEU D 130 -16.62 -14.38 -69.88
CA LEU D 130 -16.19 -14.06 -71.23
C LEU D 130 -17.22 -13.18 -71.92
N GLN D 131 -18.48 -13.55 -71.82
CA GLN D 131 -19.57 -12.75 -72.37
C GLN D 131 -19.60 -11.34 -71.77
N ALA D 132 -19.04 -11.19 -70.58
CA ALA D 132 -18.94 -9.89 -69.95
C ALA D 132 -17.68 -9.17 -70.42
N ASN D 133 -17.09 -9.63 -71.50
CA ASN D 133 -15.88 -9.01 -72.05
C ASN D 133 -14.65 -9.04 -71.13
N LYS D 134 -14.55 -10.06 -70.28
CA LYS D 134 -13.41 -10.17 -69.37
C LYS D 134 -13.02 -11.63 -69.15
N ALA D 135 -11.79 -11.87 -68.68
CA ALA D 135 -11.30 -13.23 -68.45
C ALA D 135 -10.33 -13.27 -67.27
N THR D 136 -10.48 -14.26 -66.39
CA THR D 136 -9.61 -14.44 -65.23
C THR D 136 -9.26 -15.93 -65.00
N LEU D 137 -7.98 -16.26 -64.99
CA LEU D 137 -7.53 -17.60 -64.60
C LEU D 137 -7.30 -17.61 -63.10
N VAL D 138 -7.74 -18.67 -62.45
CA VAL D 138 -7.64 -18.79 -60.99
C VAL D 138 -6.79 -20.00 -60.61
N CYS D 139 -5.69 -19.76 -59.92
CA CYS D 139 -4.86 -20.86 -59.45
C CYS D 139 -4.90 -20.97 -57.93
N LEU D 140 -5.43 -22.08 -57.39
CA LEU D 140 -5.58 -22.27 -55.93
C LEU D 140 -4.58 -23.25 -55.38
N ILE D 141 -3.84 -22.83 -54.36
CA ILE D 141 -2.75 -23.63 -53.86
C ILE D 141 -2.94 -23.93 -52.38
N SER D 142 -3.08 -25.21 -52.03
CA SER D 142 -3.52 -25.54 -50.67
C SER D 142 -2.69 -26.61 -49.97
N ASP D 143 -2.84 -26.62 -48.66
CA ASP D 143 -2.25 -27.64 -47.80
C ASP D 143 -0.77 -27.85 -48.01
N PHE D 144 0.00 -26.77 -48.02
CA PHE D 144 1.46 -26.89 -48.07
C PHE D 144 2.18 -26.37 -46.82
N TYR D 145 3.42 -26.82 -46.68
CA TYR D 145 4.21 -26.55 -45.48
C TYR D 145 5.68 -26.93 -45.75
N PRO D 146 6.63 -26.06 -45.35
CA PRO D 146 6.41 -24.79 -44.67
C PRO D 146 5.93 -23.65 -45.60
N GLY D 147 5.79 -22.45 -45.04
CA GLY D 147 5.07 -21.36 -45.71
C GLY D 147 5.79 -20.50 -46.72
N ALA D 148 6.42 -21.13 -47.73
CA ALA D 148 7.06 -20.39 -48.81
C ALA D 148 6.81 -21.07 -50.14
N VAL D 149 6.51 -20.29 -51.17
CA VAL D 149 6.18 -20.84 -52.49
C VAL D 149 6.32 -19.80 -53.59
N THR D 150 6.95 -20.16 -54.72
CA THR D 150 7.08 -19.26 -55.86
C THR D 150 6.12 -19.63 -56.98
N VAL D 151 5.35 -18.64 -57.46
CA VAL D 151 4.46 -18.85 -58.61
C VAL D 151 5.16 -18.56 -59.96
N ALA D 152 4.66 -19.15 -61.03
CA ALA D 152 5.13 -18.80 -62.37
C ALA D 152 4.02 -19.07 -63.37
N TRP D 153 3.57 -18.01 -64.03
CA TRP D 153 2.59 -18.18 -65.09
C TRP D 153 3.32 -18.22 -66.44
N LYS D 154 2.70 -18.88 -67.42
CA LYS D 154 3.29 -19.00 -68.74
C LYS D 154 2.18 -19.03 -69.78
N ALA D 155 2.37 -18.28 -70.87
CA ALA D 155 1.62 -18.56 -72.10
C ALA D 155 2.42 -19.76 -72.60
N ASP D 156 1.98 -20.45 -73.66
CA ASP D 156 2.50 -21.79 -73.99
C ASP D 156 4.00 -22.04 -73.68
N SER D 157 4.89 -21.19 -74.19
CA SER D 157 6.30 -21.32 -73.85
C SER D 157 6.78 -20.22 -72.90
N SER D 158 6.41 -18.98 -73.20
CA SER D 158 7.03 -17.79 -72.60
C SER D 158 6.50 -17.46 -71.21
N PRO D 159 7.36 -16.88 -70.37
CA PRO D 159 6.92 -16.40 -69.06
C PRO D 159 6.08 -15.13 -69.20
N VAL D 160 4.99 -15.04 -68.44
CA VAL D 160 4.17 -13.85 -68.40
C VAL D 160 4.07 -13.37 -66.97
N LYS D 161 4.38 -12.09 -66.75
CA LYS D 161 4.17 -11.48 -65.44
C LYS D 161 2.99 -10.51 -65.50
N ALA D 162 2.64 -10.12 -66.73
CA ALA D 162 1.59 -9.14 -67.02
C ALA D 162 0.17 -9.64 -66.71
N GLY D 163 -0.45 -9.06 -65.68
CA GLY D 163 -1.81 -9.41 -65.32
C GLY D 163 -1.86 -10.38 -64.16
N VAL D 164 -0.77 -10.44 -63.41
CA VAL D 164 -0.63 -11.39 -62.33
C VAL D 164 -0.84 -10.74 -60.99
N GLU D 165 -1.64 -11.40 -60.14
CA GLU D 165 -1.88 -11.00 -58.75
C GLU D 165 -1.65 -12.20 -57.86
N THR D 166 -0.88 -12.06 -56.78
CA THR D 166 -0.59 -13.22 -55.93
C THR D 166 -0.64 -12.87 -54.45
N THR D 167 -1.39 -13.66 -53.67
CA THR D 167 -1.39 -13.48 -52.23
C THR D 167 -0.13 -14.07 -51.61
N THR D 168 0.26 -13.48 -50.50
CA THR D 168 1.22 -14.11 -49.63
C THR D 168 0.50 -15.31 -49.02
N PRO D 169 1.28 -16.29 -48.50
CA PRO D 169 0.71 -17.50 -47.90
C PRO D 169 0.02 -17.20 -46.60
N SER D 170 -1.00 -17.98 -46.27
CA SER D 170 -1.69 -17.87 -44.99
C SER D 170 -2.08 -19.22 -44.40
N LYS D 171 -1.96 -19.32 -43.09
CA LYS D 171 -2.24 -20.55 -42.35
C LYS D 171 -3.70 -20.97 -42.45
N GLN D 172 -3.95 -22.27 -42.46
CA GLN D 172 -5.29 -22.77 -42.18
C GLN D 172 -5.30 -23.65 -40.93
N SER D 173 -6.49 -23.82 -40.38
CA SER D 173 -6.68 -24.47 -39.08
C SER D 173 -6.19 -25.91 -39.03
N ASN D 174 -5.59 -26.39 -40.11
CA ASN D 174 -4.93 -27.71 -40.06
C ASN D 174 -3.42 -27.52 -40.05
N ASN D 175 -3.00 -26.29 -39.78
CA ASN D 175 -1.60 -25.87 -39.79
C ASN D 175 -0.97 -25.82 -41.17
N LYS D 176 -1.70 -26.30 -42.19
CA LYS D 176 -1.22 -26.22 -43.56
C LYS D 176 -1.64 -24.90 -44.22
N TYR D 177 -0.80 -24.42 -45.11
CA TYR D 177 -0.93 -23.05 -45.62
C TYR D 177 -1.63 -23.02 -46.97
N ALA D 178 -2.16 -21.86 -47.32
CA ALA D 178 -2.85 -21.70 -48.59
C ALA D 178 -2.54 -20.35 -49.23
N ALA D 179 -2.64 -20.28 -50.55
CA ALA D 179 -2.42 -19.03 -51.25
C ALA D 179 -3.18 -19.03 -52.57
N SER D 180 -3.32 -17.87 -53.18
CA SER D 180 -3.96 -17.79 -54.46
C SER D 180 -3.13 -16.88 -55.37
N SER D 181 -3.00 -17.26 -56.64
CA SER D 181 -2.38 -16.39 -57.63
C SER D 181 -3.34 -16.26 -58.80
N TYR D 182 -3.63 -15.04 -59.21
CA TYR D 182 -4.62 -14.82 -60.27
C TYR D 182 -4.00 -14.16 -61.52
N LEU D 183 -4.28 -14.73 -62.69
CA LEU D 183 -3.90 -14.07 -63.94
C LEU D 183 -5.14 -13.64 -64.70
N SER D 184 -5.33 -12.34 -64.86
CA SER D 184 -6.49 -11.88 -65.63
C SER D 184 -6.10 -11.34 -67.01
N LEU D 185 -6.85 -11.76 -68.02
CA LEU D 185 -6.51 -11.43 -69.39
C LEU D 185 -7.70 -10.87 -70.16
N THR D 186 -7.45 -10.45 -71.39
CA THR D 186 -8.52 -10.08 -72.32
C THR D 186 -9.20 -11.34 -72.81
N PRO D 187 -10.40 -11.21 -73.38
CA PRO D 187 -11.08 -12.33 -74.04
C PRO D 187 -10.31 -12.81 -75.26
N GLU D 188 -9.49 -11.96 -75.85
CA GLU D 188 -8.72 -12.34 -77.04
C GLU D 188 -7.46 -13.14 -76.68
N GLN D 189 -6.77 -12.76 -75.58
CA GLN D 189 -5.56 -13.45 -75.15
C GLN D 189 -5.81 -14.91 -74.86
N TRP D 190 -6.81 -15.18 -74.05
CA TRP D 190 -7.12 -16.54 -73.70
C TRP D 190 -7.43 -17.37 -74.95
N LYS D 191 -8.30 -16.86 -75.81
CA LYS D 191 -8.69 -17.64 -77.00
C LYS D 191 -7.68 -17.50 -78.12
N SER D 192 -6.56 -16.84 -77.84
CA SER D 192 -5.53 -16.64 -78.86
C SER D 192 -4.45 -17.71 -78.80
N HIS D 193 -4.08 -18.12 -77.60
CA HIS D 193 -3.01 -19.10 -77.43
C HIS D 193 -3.58 -20.52 -77.36
N LYS D 194 -2.69 -21.50 -77.18
CA LYS D 194 -3.10 -22.91 -77.07
C LYS D 194 -3.49 -23.28 -75.63
N SER D 195 -2.82 -22.66 -74.67
CA SER D 195 -2.96 -23.01 -73.25
C SER D 195 -2.11 -22.11 -72.36
N TYR D 196 -2.57 -21.86 -71.13
CA TYR D 196 -1.80 -21.16 -70.09
C TYR D 196 -1.53 -22.13 -68.93
N SER D 197 -0.56 -21.80 -68.07
CA SER D 197 -0.16 -22.72 -67.00
C SER D 197 0.14 -22.07 -65.64
N CYS D 198 -0.37 -22.66 -64.56
CA CYS D 198 -0.02 -22.23 -63.22
C CYS D 198 1.08 -23.10 -62.67
N GLN D 199 2.27 -22.53 -62.48
CA GLN D 199 3.41 -23.30 -61.99
C GLN D 199 3.87 -22.83 -60.61
N VAL D 200 3.78 -23.70 -59.61
CA VAL D 200 4.26 -23.35 -58.28
C VAL D 200 5.50 -24.15 -57.89
N THR D 201 6.43 -23.46 -57.23
CA THR D 201 7.66 -24.05 -56.76
C THR D 201 7.70 -24.00 -55.26
N HIS D 202 8.01 -25.13 -54.64
CA HIS D 202 7.96 -25.22 -53.18
C HIS D 202 9.13 -26.06 -52.68
N GLU D 203 10.09 -25.41 -52.03
CA GLU D 203 11.27 -26.13 -51.61
C GLU D 203 11.84 -26.91 -52.79
N GLY D 204 12.10 -26.22 -53.90
CA GLY D 204 12.71 -26.81 -55.08
C GLY D 204 11.87 -27.88 -55.74
N SER D 205 10.57 -27.84 -55.50
CA SER D 205 9.67 -28.81 -56.12
C SER D 205 8.71 -28.06 -57.03
N THR D 206 8.36 -28.68 -58.16
CA THR D 206 7.52 -28.00 -59.14
C THR D 206 6.33 -28.82 -59.66
N VAL D 207 5.15 -28.36 -59.26
CA VAL D 207 3.90 -28.87 -59.80
C VAL D 207 3.37 -27.78 -60.71
N GLU D 208 2.55 -28.16 -61.68
CA GLU D 208 1.97 -27.20 -62.62
C GLU D 208 0.76 -27.80 -63.32
N LYS D 209 -0.30 -27.01 -63.46
CA LYS D 209 -1.50 -27.43 -64.20
C LYS D 209 -1.59 -26.62 -65.50
N THR D 210 -2.57 -26.94 -66.34
CA THR D 210 -2.71 -26.28 -67.62
C THR D 210 -4.12 -26.47 -68.18
N VAL D 211 -4.58 -25.55 -69.01
CA VAL D 211 -5.93 -25.65 -69.64
C VAL D 211 -5.92 -25.12 -71.06
N ALA D 212 -6.75 -25.67 -71.93
CA ALA D 212 -6.96 -25.08 -73.25
C ALA D 212 -8.40 -24.58 -73.38
N PRO D 213 -8.61 -23.54 -74.19
CA PRO D 213 -9.94 -22.97 -74.38
C PRO D 213 -10.98 -24.00 -74.84
C1 NAG E . 8.62 23.74 62.44
C2 NAG E . 7.31 23.26 63.07
C3 NAG E . 6.33 24.37 63.52
C4 NAG E . 6.95 25.76 63.75
C5 NAG E . 8.29 26.00 63.04
C6 NAG E . 8.96 27.28 63.55
C7 NAG E . 6.38 21.10 62.54
C8 NAG E . 5.66 20.22 61.55
N2 NAG E . 6.63 22.36 62.17
O3 NAG E . 5.66 23.94 64.70
O4 NAG E . 6.06 26.78 63.34
O5 NAG E . 9.14 24.86 63.17
O6 NAG E . 9.62 27.08 64.80
O7 NAG E . 6.73 20.66 63.63
C1 NAG E . 4.86 26.72 64.15
C2 NAG E . 4.40 28.15 64.46
C3 NAG E . 2.98 28.18 65.06
C4 NAG E . 2.07 27.16 64.36
C5 NAG E . 2.74 25.78 64.51
C6 NAG E . 1.85 24.53 64.35
C7 NAG E . 6.47 29.44 64.92
C8 NAG E . 7.42 29.91 66.00
N2 NAG E . 5.42 28.71 65.34
O3 NAG E . 2.44 29.49 65.02
O4 NAG E . 0.74 27.18 64.84
O5 NAG E . 3.87 25.82 63.63
O6 NAG E . 1.37 24.36 63.05
O7 NAG E . 6.67 29.77 63.74
C1 NAG F . -19.65 8.91 19.17
C2 NAG F . -20.56 7.88 18.57
C3 NAG F . -21.97 8.17 19.04
C4 NAG F . -22.03 8.13 20.55
C5 NAG F . -20.92 8.96 21.17
C6 NAG F . -20.78 8.53 22.62
C7 NAG F . -19.76 7.05 16.43
C8 NAG F . -19.70 7.25 14.95
N2 NAG F . -20.42 7.97 17.12
O3 NAG F . -22.84 7.13 18.65
O4 NAG F . -23.25 8.72 20.95
O5 NAG F . -19.67 8.78 20.57
O6 NAG F . -20.33 9.72 23.21
O7 NAG F . -19.23 6.09 16.93
C1 NAG F . -23.78 8.02 22.09
C2 NAG F . -24.87 8.91 22.66
C3 NAG F . -25.94 8.20 23.46
C4 NAG F . -26.31 6.83 22.94
C5 NAG F . -25.08 6.01 22.54
C6 NAG F . -25.55 4.85 21.67
C7 NAG F . -24.32 11.15 23.26
C8 NAG F . -23.63 12.11 24.20
N2 NAG F . -24.24 9.86 23.53
O3 NAG F . -27.12 8.96 23.44
O4 NAG F . -27.03 6.19 23.97
O5 NAG F . -24.17 6.71 21.74
O6 NAG F . -26.18 5.43 20.54
O7 NAG F . -24.94 11.54 22.27
C1 BMA F . -28.30 5.73 23.49
C2 BMA F . -28.62 4.37 24.13
C3 BMA F . -30.04 3.88 23.78
C4 BMA F . -31.06 5.00 23.77
C5 BMA F . -30.53 6.18 22.97
C6 BMA F . -31.58 7.25 22.58
O2 BMA F . -28.43 4.45 25.52
O3 BMA F . -30.47 2.82 24.61
O4 BMA F . -32.20 4.49 23.12
O5 BMA F . -29.36 6.67 23.64
O6 BMA F . -31.99 8.10 23.65
C1 MAN F . -30.83 1.64 23.81
C2 MAN F . -31.63 0.69 24.71
C3 MAN F . -30.70 0.31 25.89
C4 MAN F . -29.38 -0.28 25.39
C5 MAN F . -28.75 0.49 24.23
C6 MAN F . -27.65 -0.36 23.60
O2 MAN F . -32.09 -0.43 23.97
O3 MAN F . -31.34 -0.56 26.79
O4 MAN F . -28.43 -0.30 26.44
O5 MAN F . -29.72 0.92 23.26
O6 MAN F . -27.01 0.31 22.51
C1 NAG G . 11.37 27.92 32.58
C2 NAG G . 12.02 28.29 31.25
C3 NAG G . 13.20 29.24 31.56
C4 NAG G . 12.78 30.38 32.50
C5 NAG G . 11.55 30.15 33.41
C6 NAG G . 10.79 31.46 33.51
C7 NAG G . 11.53 26.42 29.66
C8 NAG G . 12.08 25.24 28.92
N2 NAG G . 12.39 27.12 30.45
O3 NAG G . 13.72 29.81 30.37
O4 NAG G . 13.89 30.84 33.29
O5 NAG G . 10.69 29.11 32.94
O6 NAG G . 9.58 31.29 34.24
O7 NAG G . 10.32 26.71 29.54
C1 NAG G . 14.67 31.74 32.46
C2 NAG G . 14.73 33.24 32.87
C3 NAG G . 15.21 34.00 31.63
C4 NAG G . 16.52 33.41 31.08
C5 NAG G . 16.32 31.90 30.85
C6 NAG G . 17.50 31.19 30.17
C7 NAG G . 13.28 34.61 34.36
C8 NAG G . 11.88 35.08 34.62
N2 NAG G . 13.45 33.80 33.30
O3 NAG G . 15.28 35.37 31.91
O4 NAG G . 16.91 34.08 29.90
O5 NAG G . 15.98 31.30 32.10
O6 NAG G . 18.54 30.93 31.10
O7 NAG G . 14.21 34.96 35.08
C1 NAG H . 15.61 38.37 54.99
C2 NAG H . 14.42 39.31 55.22
C3 NAG H . 14.13 40.11 53.94
C4 NAG H . 15.39 40.92 53.65
C5 NAG H . 16.52 39.91 53.35
C6 NAG H . 17.83 40.60 52.92
C7 NAG H . 12.90 38.53 57.04
C8 NAG H . 11.68 37.73 57.39
N2 NAG H . 13.25 38.57 55.73
O3 NAG H . 12.96 40.92 54.02
O4 NAG H . 15.19 41.88 52.62
O5 NAG H . 16.75 39.06 54.47
O6 NAG H . 18.91 39.67 52.96
O7 NAG H . 13.53 39.13 57.93
#